data_6RKG
#
_entry.id   6RKG
#
_cell.length_a   131.783
_cell.length_b   131.783
_cell.length_c   188.768
_cell.angle_alpha   90.00
_cell.angle_beta   90.00
_cell.angle_gamma   120.00
#
_symmetry.space_group_name_H-M   'P 63 2 2'
#
loop_
_entity.id
_entity.type
_entity.pdbx_description
1 polymer 'Urease subunit gamma'
2 polymer 'Urease subunit beta'
3 polymer 'Urease subunit alpha'
4 non-polymer 1,2-ETHANEDIOL
5 non-polymer 'SULFATE ION'
6 non-polymer 'NICKEL (II) ION'
7 non-polymer DIAMIDOPHOSPHATE
8 water water
#
loop_
_entity_poly.entity_id
_entity_poly.type
_entity_poly.pdbx_seq_one_letter_code
_entity_poly.pdbx_strand_id
1 'polypeptide(L)'
;(CXM)HLNPAEKEKLQIFLASELALKRKARGLKLNYPEAVAIITSFIMEGARDGKTVAMLMEEGKHVLTRDDVMEGVPEM
IDDIQAEATFPDGTKLVTVHNPIS
;
A
2 'polypeptide(L)'
;NYIVPGEYRVAEGEIEINAGREKTTIRVSNTGDRPIQVGSHIHFVEVNKELLFDRAEGIGRRLNIPSGTAARFEPGEEME
VELTELGGNREVFGISDLTNGSVDNKELILQRAKELGYKGVE
;
B
3 'polypeptide(L)'
;MKINRQQYAESYGPTVGDQVRLADTDLWIEVEKDYTTYGDEANFGGGKVLREGMGENGTYTRTENVLDLLLTNALILDYT
GIYKADIGVKDGYIVGIGKGGNPDIMDGVTPNMIVGTATEVIAAEGKIVTAGGIDTHVHFINPDQVDVALANGITTLFGG
GTGPAEGSKATTVTPGPWNIEKMLKSTEGLPINVGILGKGHGSSIAPIMEQIDAGAAGL(KCX)IHEDWGATPASIDRSL
TVADEADVQVAIHSDTLNEAGFLEDTLRAINGRVIHSFHVEGAGGGHAPDIMAMAGHPNVLPSSTNPTRPFTVNTIDEHL
DMLMVCHHLKQNIPEDVAFADSRIRPETIAAEDILHDLGIISMMSTDALAMGRAGEMVLRTWQTADKMKKQRGPLAEEKN
GSDNFRAKRYVSKYTINPAIAQGIAHEVGSIEEGKFADLVLWEPKFFGVKADRVIKGGIIAYAQIGDPSASIPTPQPVMG
RRMYGTVGDLIHDTNITFMSKSSIQQGVPAKLGLKRRIGTVKNCRNIGKKDMKWNDVTTDIDINPETYEVKVDGEVLTCE
PVKELPMAQRYFLF
;
C
#
loop_
_chem_comp.id
_chem_comp.type
_chem_comp.name
_chem_comp.formula
2PA non-polymer DIAMIDOPHOSPHATE 'H5 N2 O2 P'
EDO non-polymer 1,2-ETHANEDIOL 'C2 H6 O2'
NI non-polymer 'NICKEL (II) ION' 'Ni 2'
SO4 non-polymer 'SULFATE ION' 'O4 S -2'
#
# COMPACT_ATOMS: atom_id res chain seq x y z
N CXM A 1 -3.36 40.50 -7.26
CA CXM A 1 -3.99 39.89 -6.08
CB CXM A 1 -4.77 38.61 -6.41
CG CXM A 1 -6.07 38.91 -7.16
SD CXM A 1 -6.97 37.45 -7.54
CE CXM A 1 -5.98 36.74 -8.81
C CXM A 1 -2.99 39.51 -5.03
O CXM A 1 -3.14 39.40 -3.81
CN CXM A 1 -2.54 41.59 -7.23
ON1 CXM A 1 -2.07 42.17 -8.22
ON2 CXM A 1 -2.15 42.12 -6.08
N HIS A 2 -1.58 39.10 -5.64
CA HIS A 2 -0.50 38.59 -4.77
C HIS A 2 -0.89 37.30 -4.07
N LEU A 3 -1.44 36.35 -4.81
CA LEU A 3 -1.81 35.09 -4.17
C LEU A 3 -0.57 34.28 -3.79
N ASN A 4 -0.57 33.80 -2.56
CA ASN A 4 0.47 32.91 -2.07
C ASN A 4 0.03 31.46 -2.28
N PRO A 5 0.91 30.49 -1.97
CA PRO A 5 0.52 29.11 -2.27
C PRO A 5 -0.77 28.63 -1.58
N ALA A 6 -0.95 29.00 -0.31
CA ALA A 6 -2.14 28.55 0.41
C ALA A 6 -3.42 29.17 -0.15
N GLU A 7 -3.36 30.45 -0.53
CA GLU A 7 -4.54 31.11 -1.08
C GLU A 7 -4.98 30.41 -2.36
N LYS A 8 -4.03 30.03 -3.20
N LYS A 8 -4.01 30.01 -3.18
CA LYS A 8 -4.37 29.27 -4.40
CA LYS A 8 -4.26 29.29 -4.42
C LYS A 8 -5.01 27.93 -4.06
C LYS A 8 -4.86 27.88 -4.17
N GLU A 9 -4.39 27.18 -3.16
CA GLU A 9 -4.93 25.85 -2.81
C GLU A 9 -6.32 25.94 -2.24
N LYS A 10 -6.54 26.91 -1.36
CA LYS A 10 -7.79 26.99 -0.62
C LYS A 10 -8.97 27.43 -1.47
N LEU A 11 -8.71 28.07 -2.61
CA LEU A 11 -9.75 28.29 -3.61
C LEU A 11 -10.46 26.99 -4.01
N GLN A 12 -9.71 25.89 -4.07
N GLN A 12 -9.68 25.91 -4.08
CA GLN A 12 -10.32 24.66 -4.53
CA GLN A 12 -10.21 24.57 -4.42
C GLN A 12 -11.17 23.97 -3.43
C GLN A 12 -11.26 24.11 -3.43
N ILE A 13 -11.00 24.35 -2.15
CA ILE A 13 -11.95 23.94 -1.09
C ILE A 13 -13.30 24.64 -1.29
N PHE A 14 -13.25 25.95 -1.52
CA PHE A 14 -14.47 26.72 -1.79
C PHE A 14 -15.20 26.12 -2.99
N LEU A 15 -14.45 25.82 -4.06
CA LEU A 15 -15.05 25.25 -5.26
C LEU A 15 -15.70 23.88 -5.00
N ALA A 16 -14.99 23.01 -4.28
CA ALA A 16 -15.53 21.69 -3.96
C ALA A 16 -16.79 21.80 -3.09
N SER A 17 -16.80 22.79 -2.20
CA SER A 17 -17.99 23.05 -1.38
C SER A 17 -19.15 23.51 -2.26
N GLU A 18 -18.91 24.40 -3.20
CA GLU A 18 -19.98 24.84 -4.11
C GLU A 18 -20.56 23.67 -4.91
N LEU A 19 -19.68 22.80 -5.40
CA LEU A 19 -20.08 21.56 -6.08
C LEU A 19 -20.97 20.70 -5.19
N ALA A 20 -20.50 20.46 -3.98
CA ALA A 20 -21.22 19.63 -3.02
C ALA A 20 -22.57 20.22 -2.64
N LEU A 21 -22.61 21.54 -2.44
CA LEU A 21 -23.86 22.22 -2.10
C LEU A 21 -24.91 22.07 -3.21
N LYS A 22 -24.45 22.12 -4.47
CA LYS A 22 -25.37 21.89 -5.59
C LYS A 22 -25.90 20.47 -5.63
N ARG A 23 -25.04 19.50 -5.32
CA ARG A 23 -25.46 18.11 -5.23
C ARG A 23 -26.48 17.90 -4.10
N LYS A 24 -26.23 18.50 -2.95
CA LYS A 24 -27.19 18.44 -1.83
C LYS A 24 -28.53 19.08 -2.22
N ALA A 25 -28.47 20.23 -2.88
CA ALA A 25 -29.69 20.97 -3.23
C ALA A 25 -30.56 20.20 -4.21
N ARG A 26 -29.96 19.34 -5.03
CA ARG A 26 -30.79 18.54 -5.93
C ARG A 26 -31.19 17.18 -5.35
N GLY A 27 -30.90 16.97 -4.07
CA GLY A 27 -31.47 15.88 -3.28
C GLY A 27 -30.54 14.72 -3.00
N LEU A 28 -29.26 14.84 -3.31
CA LEU A 28 -28.34 13.74 -3.11
C LEU A 28 -27.84 13.66 -1.67
N LYS A 29 -27.73 12.45 -1.14
N LYS A 29 -27.71 12.44 -1.17
CA LYS A 29 -26.98 12.24 0.09
CA LYS A 29 -26.97 12.19 0.07
C LYS A 29 -25.50 12.39 -0.26
C LYS A 29 -25.48 12.33 -0.22
N LEU A 30 -24.79 13.16 0.56
CA LEU A 30 -23.40 13.51 0.28
C LEU A 30 -22.44 12.43 0.71
N ASN A 31 -21.35 12.34 -0.03
CA ASN A 31 -20.29 11.38 0.26
C ASN A 31 -19.19 12.00 1.11
N TYR A 32 -18.11 11.24 1.30
CA TYR A 32 -17.05 11.67 2.20
C TYR A 32 -16.37 12.99 1.80
N PRO A 33 -15.78 13.07 0.58
CA PRO A 33 -15.10 14.35 0.28
C PRO A 33 -16.07 15.54 0.17
N GLU A 34 -17.30 15.29 -0.26
CA GLU A 34 -18.31 16.36 -0.35
C GLU A 34 -18.59 16.94 1.04
N ALA A 35 -18.79 16.05 2.01
CA ALA A 35 -19.09 16.45 3.38
C ALA A 35 -17.92 17.22 3.99
N VAL A 36 -16.71 16.69 3.80
CA VAL A 36 -15.53 17.38 4.30
C VAL A 36 -15.41 18.78 3.68
N ALA A 37 -15.63 18.88 2.37
CA ALA A 37 -15.52 20.16 1.68
C ALA A 37 -16.50 21.22 2.22
N ILE A 38 -17.76 20.81 2.41
CA ILE A 38 -18.77 21.75 2.92
C ILE A 38 -18.37 22.28 4.30
N ILE A 39 -18.00 21.38 5.19
CA ILE A 39 -17.68 21.81 6.55
C ILE A 39 -16.40 22.65 6.57
N THR A 40 -15.41 22.27 5.76
CA THR A 40 -14.18 23.05 5.69
C THR A 40 -14.42 24.48 5.17
N SER A 41 -15.17 24.61 4.08
CA SER A 41 -15.44 25.93 3.53
C SER A 41 -16.26 26.77 4.52
N PHE A 42 -17.20 26.12 5.21
CA PHE A 42 -17.97 26.79 6.25
C PHE A 42 -17.02 27.44 7.29
N ILE A 43 -16.02 26.68 7.72
CA ILE A 43 -15.08 27.19 8.72
C ILE A 43 -14.28 28.38 8.16
N MET A 44 -13.76 28.27 6.96
N MET A 44 -13.74 28.21 6.95
CA MET A 44 -12.93 29.34 6.42
CA MET A 44 -12.98 29.25 6.27
C MET A 44 -13.76 30.61 6.18
C MET A 44 -13.76 30.55 6.22
N GLU A 45 -15.00 30.46 5.75
CA GLU A 45 -15.87 31.61 5.58
C GLU A 45 -16.28 32.23 6.93
N GLY A 46 -16.44 31.39 7.95
CA GLY A 46 -16.70 31.85 9.31
C GLY A 46 -15.58 32.70 9.87
N ALA A 47 -14.33 32.30 9.59
CA ALA A 47 -13.19 33.10 9.99
C ALA A 47 -13.19 34.45 9.29
N ARG A 48 -13.48 34.44 7.99
CA ARG A 48 -13.57 35.66 7.21
C ARG A 48 -14.64 36.61 7.76
N ASP A 49 -15.73 36.02 8.27
CA ASP A 49 -16.82 36.78 8.89
C ASP A 49 -16.46 37.36 10.24
N GLY A 50 -15.39 36.86 10.85
CA GLY A 50 -14.92 37.36 12.13
C GLY A 50 -15.40 36.61 13.35
N LYS A 51 -15.95 35.40 13.15
CA LYS A 51 -16.24 34.52 14.27
C LYS A 51 -14.95 34.13 14.99
N THR A 52 -15.08 33.69 16.24
CA THR A 52 -13.93 33.17 16.98
C THR A 52 -13.66 31.70 16.63
N VAL A 53 -12.44 31.26 16.94
CA VAL A 53 -12.09 29.85 16.82
C VAL A 53 -13.06 29.00 17.66
N ALA A 54 -13.31 29.41 18.90
CA ALA A 54 -14.21 28.65 19.77
C ALA A 54 -15.63 28.52 19.21
N MET A 55 -16.15 29.59 18.60
CA MET A 55 -17.46 29.53 17.96
C MET A 55 -17.48 28.47 16.87
N LEU A 56 -16.45 28.47 16.03
CA LEU A 56 -16.42 27.56 14.88
C LEU A 56 -16.18 26.10 15.27
N MET A 57 -15.41 25.90 16.34
CA MET A 57 -15.22 24.56 16.88
C MET A 57 -16.56 23.90 17.24
N GLU A 58 -17.52 24.71 17.68
CA GLU A 58 -18.84 24.21 18.03
C GLU A 58 -19.82 24.27 16.86
N GLU A 59 -19.84 25.36 16.11
CA GLU A 59 -20.75 25.45 14.94
C GLU A 59 -20.50 24.34 13.92
N GLY A 60 -19.24 23.93 13.79
CA GLY A 60 -18.86 22.91 12.82
C GLY A 60 -19.53 21.57 13.05
N LYS A 61 -20.07 21.36 14.25
CA LYS A 61 -20.80 20.14 14.56
C LYS A 61 -22.28 20.17 14.14
N HIS A 62 -22.72 21.28 13.56
CA HIS A 62 -24.14 21.49 13.25
C HIS A 62 -24.38 21.91 11.79
N VAL A 63 -23.40 21.67 10.93
CA VAL A 63 -23.49 22.07 9.54
C VAL A 63 -24.19 20.97 8.73
N LEU A 64 -23.79 19.73 8.94
CA LEU A 64 -24.41 18.56 8.30
C LEU A 64 -24.78 17.56 9.37
N THR A 65 -25.92 16.89 9.18
CA THR A 65 -26.36 15.81 10.08
C THR A 65 -26.30 14.47 9.32
N ARG A 66 -26.52 13.36 10.04
CA ARG A 66 -26.32 12.06 9.40
C ARG A 66 -27.29 11.80 8.24
N ASP A 67 -28.49 12.38 8.28
CA ASP A 67 -29.43 12.24 7.18
C ASP A 67 -29.03 13.01 5.91
N ASP A 68 -28.02 13.89 6.02
CA ASP A 68 -27.50 14.61 4.85
C ASP A 68 -26.45 13.80 4.08
N VAL A 69 -25.95 12.72 4.67
CA VAL A 69 -24.79 12.00 4.11
C VAL A 69 -25.05 10.51 3.96
N MET A 70 -24.21 9.86 3.17
N MET A 70 -24.22 9.87 3.15
CA MET A 70 -24.35 8.43 2.94
CA MET A 70 -24.33 8.43 2.87
C MET A 70 -24.05 7.62 4.19
C MET A 70 -23.98 7.60 4.12
N GLU A 71 -24.50 6.38 4.17
CA GLU A 71 -24.19 5.43 5.23
C GLU A 71 -22.67 5.35 5.47
N GLY A 72 -22.28 5.44 6.74
CA GLY A 72 -20.89 5.32 7.15
C GLY A 72 -20.07 6.60 7.10
N VAL A 73 -20.54 7.62 6.39
CA VAL A 73 -19.80 8.87 6.30
C VAL A 73 -19.61 9.54 7.67
N PRO A 74 -20.65 9.56 8.54
CA PRO A 74 -20.41 10.17 9.85
C PRO A 74 -19.24 9.52 10.62
N GLU A 75 -19.12 8.21 10.51
CA GLU A 75 -18.12 7.46 11.24
C GLU A 75 -16.74 7.55 10.58
N MET A 76 -16.72 7.88 9.29
CA MET A 76 -15.46 8.11 8.56
C MET A 76 -14.78 9.41 8.95
N ILE A 77 -15.55 10.39 9.43
CA ILE A 77 -15.00 11.72 9.73
C ILE A 77 -14.81 11.86 11.23
N ASP A 78 -13.59 11.63 11.69
CA ASP A 78 -13.27 11.76 13.12
C ASP A 78 -13.14 13.22 13.52
N ASP A 79 -12.56 14.02 12.63
CA ASP A 79 -12.50 15.46 12.83
C ASP A 79 -12.25 16.13 11.51
N ILE A 80 -12.47 17.43 11.48
CA ILE A 80 -12.08 18.28 10.35
C ILE A 80 -11.26 19.43 10.91
N GLN A 81 -10.14 19.70 10.23
CA GLN A 81 -9.24 20.78 10.60
C GLN A 81 -9.07 21.73 9.44
N ALA A 82 -9.06 23.03 9.76
CA ALA A 82 -8.89 24.06 8.75
C ALA A 82 -8.24 25.29 9.38
N GLU A 83 -7.35 25.92 8.60
CA GLU A 83 -6.74 27.17 9.00
C GLU A 83 -7.19 28.29 8.09
N ALA A 84 -7.45 29.44 8.69
CA ALA A 84 -7.88 30.61 7.96
C ALA A 84 -7.42 31.86 8.69
N THR A 85 -7.49 32.98 7.97
CA THR A 85 -7.12 34.27 8.53
C THR A 85 -8.32 34.87 9.28
N PHE A 86 -8.21 34.87 10.60
CA PHE A 86 -9.16 35.53 11.48
C PHE A 86 -8.75 37.00 11.60
N PRO A 87 -9.56 37.82 12.27
CA PRO A 87 -9.16 39.21 12.45
C PRO A 87 -7.81 39.35 13.17
N ASP A 88 -7.48 38.36 14.00
CA ASP A 88 -6.23 38.28 14.73
C ASP A 88 -5.21 37.31 14.12
N GLY A 89 -5.26 37.11 12.81
CA GLY A 89 -4.25 36.30 12.11
C GLY A 89 -4.69 34.88 11.85
N THR A 90 -3.80 34.07 11.28
CA THR A 90 -4.12 32.69 10.99
C THR A 90 -4.32 31.90 12.26
N LYS A 91 -5.40 31.12 12.31
CA LYS A 91 -5.64 30.19 13.40
C LYS A 91 -6.21 28.89 12.87
N LEU A 92 -6.03 27.85 13.67
CA LEU A 92 -6.52 26.51 13.38
C LEU A 92 -7.83 26.21 14.11
N VAL A 93 -8.81 25.74 13.35
CA VAL A 93 -10.06 25.25 13.89
C VAL A 93 -10.09 23.73 13.74
N THR A 94 -10.26 23.05 14.87
CA THR A 94 -10.48 21.61 14.90
C THR A 94 -11.91 21.32 15.36
N VAL A 95 -12.67 20.65 14.51
CA VAL A 95 -14.03 20.22 14.83
C VAL A 95 -14.04 18.72 15.02
N HIS A 96 -14.29 18.27 16.25
CA HIS A 96 -14.36 16.84 16.54
C HIS A 96 -15.74 16.29 16.21
N ASN A 97 -15.76 15.11 15.58
CA ASN A 97 -16.99 14.39 15.24
C ASN A 97 -18.08 15.31 14.73
N PRO A 98 -17.82 15.96 13.58
CA PRO A 98 -18.74 16.99 13.11
C PRO A 98 -20.13 16.49 12.73
N ILE A 99 -20.27 15.21 12.40
CA ILE A 99 -21.56 14.64 12.03
C ILE A 99 -21.86 13.45 12.95
N SER A 100 -22.85 13.55 13.82
CA SER A 100 -23.13 12.48 14.80
C SER A 100 -23.77 11.23 14.15
N ASN B 1 -25.92 -4.91 9.86
CA ASN B 1 -25.91 -4.54 8.41
C ASN B 1 -25.28 -3.17 8.11
N TYR B 2 -25.38 -2.20 9.02
CA TYR B 2 -24.76 -0.89 8.82
C TYR B 2 -23.26 -1.04 8.66
N ILE B 3 -22.71 -0.43 7.63
CA ILE B 3 -21.29 -0.56 7.32
C ILE B 3 -20.53 0.67 7.79
N VAL B 4 -19.59 0.45 8.72
CA VAL B 4 -18.62 1.47 9.08
C VAL B 4 -17.33 1.10 8.33
N PRO B 5 -16.95 1.89 7.32
CA PRO B 5 -15.77 1.52 6.53
C PRO B 5 -14.53 1.33 7.41
N GLY B 6 -13.81 0.24 7.17
CA GLY B 6 -12.57 -0.02 7.92
C GLY B 6 -12.73 -0.41 9.38
N GLU B 7 -13.96 -0.71 9.82
CA GLU B 7 -14.18 -1.00 11.23
C GLU B 7 -13.51 -2.30 11.69
N TYR B 8 -13.20 -2.36 12.98
CA TYR B 8 -12.73 -3.58 13.61
C TYR B 8 -13.86 -4.43 14.15
N ARG B 9 -13.64 -5.75 14.13
N ARG B 9 -13.63 -5.74 14.16
CA ARG B 9 -14.42 -6.71 14.91
CA ARG B 9 -14.43 -6.68 14.92
C ARG B 9 -13.39 -7.45 15.75
C ARG B 9 -13.44 -7.47 15.77
N VAL B 10 -13.14 -6.96 16.97
CA VAL B 10 -12.11 -7.57 17.81
C VAL B 10 -12.58 -8.90 18.39
N ALA B 11 -11.60 -9.74 18.68
CA ALA B 11 -11.87 -11.03 19.30
C ALA B 11 -12.25 -10.85 20.77
N GLU B 12 -12.71 -11.91 21.38
CA GLU B 12 -13.02 -11.89 22.81
C GLU B 12 -11.74 -12.02 23.61
N GLY B 13 -11.81 -11.59 24.87
N GLY B 13 -11.81 -11.58 24.85
CA GLY B 13 -10.73 -11.82 25.80
CA GLY B 13 -10.74 -11.79 25.80
C GLY B 13 -10.00 -10.54 26.13
C GLY B 13 -9.78 -10.63 25.85
N GLU B 14 -8.89 -10.67 26.85
CA GLU B 14 -8.12 -9.53 27.25
C GLU B 14 -6.64 -9.81 27.04
N ILE B 15 -5.87 -8.73 26.95
CA ILE B 15 -4.42 -8.83 26.74
C ILE B 15 -3.72 -8.56 28.06
N GLU B 16 -2.95 -9.54 28.53
CA GLU B 16 -2.14 -9.35 29.73
C GLU B 16 -0.76 -8.83 29.33
N ILE B 17 -0.41 -7.65 29.84
CA ILE B 17 0.90 -7.09 29.56
C ILE B 17 1.95 -7.61 30.55
N ASN B 18 3.19 -7.68 30.07
CA ASN B 18 4.31 -8.05 30.93
C ASN B 18 4.07 -9.35 31.68
N ALA B 19 3.52 -10.31 30.97
CA ALA B 19 3.12 -11.58 31.56
C ALA B 19 4.35 -12.35 32.06
N GLY B 20 4.21 -12.97 33.22
CA GLY B 20 5.28 -13.80 33.77
C GLY B 20 6.37 -13.05 34.51
N ARG B 21 6.31 -11.72 34.54
CA ARG B 21 7.32 -10.93 35.22
C ARG B 21 6.85 -10.56 36.62
N GLU B 22 7.80 -10.55 37.56
CA GLU B 22 7.53 -10.14 38.94
C GLU B 22 7.00 -8.70 38.99
N LYS B 23 5.97 -8.49 39.81
CA LYS B 23 5.39 -7.18 40.04
C LYS B 23 5.66 -6.71 41.46
N THR B 24 5.85 -5.39 41.63
CA THR B 24 6.17 -4.80 42.93
C THR B 24 5.40 -3.48 43.07
N THR B 25 4.67 -3.35 44.18
CA THR B 25 3.96 -2.11 44.45
C THR B 25 4.78 -1.26 45.42
N ILE B 26 4.95 0.02 45.09
CA ILE B 26 5.65 0.97 45.96
C ILE B 26 4.95 2.32 46.02
N ARG B 27 5.17 3.05 47.10
CA ARG B 27 4.67 4.41 47.25
C ARG B 27 5.74 5.41 46.80
N VAL B 28 5.31 6.44 46.08
CA VAL B 28 6.20 7.43 45.48
C VAL B 28 5.59 8.82 45.68
N SER B 29 6.41 9.79 46.09
N SER B 29 6.36 9.80 46.14
CA SER B 29 5.98 11.16 46.39
CA SER B 29 5.83 11.15 46.27
C SER B 29 6.74 12.21 45.60
C SER B 29 6.69 12.17 45.57
N ASN B 30 6.03 13.16 45.00
CA ASN B 30 6.67 14.29 44.35
C ASN B 30 6.93 15.37 45.41
N THR B 31 8.18 15.45 45.87
CA THR B 31 8.58 16.43 46.86
C THR B 31 8.88 17.80 46.26
N GLY B 32 8.85 17.91 44.94
CA GLY B 32 9.10 19.18 44.25
C GLY B 32 7.84 20.01 44.06
N ASP B 33 7.99 21.17 43.40
CA ASP B 33 6.89 22.12 43.27
C ASP B 33 6.34 22.26 41.85
N ARG B 34 6.77 21.36 40.97
CA ARG B 34 6.31 21.28 39.60
C ARG B 34 5.96 19.81 39.30
N PRO B 35 5.02 19.56 38.37
CA PRO B 35 4.58 18.18 38.13
C PRO B 35 5.65 17.31 37.47
N ILE B 36 5.67 16.04 37.84
CA ILE B 36 6.57 15.05 37.26
C ILE B 36 5.75 13.91 36.68
N GLN B 37 5.98 13.62 35.40
CA GLN B 37 5.26 12.55 34.73
C GLN B 37 6.29 11.53 34.21
N VAL B 38 6.01 10.26 34.50
CA VAL B 38 6.96 9.17 34.28
C VAL B 38 6.43 8.15 33.27
N GLY B 39 7.19 7.92 32.21
CA GLY B 39 6.76 7.03 31.15
C GLY B 39 6.91 5.54 31.50
N SER B 40 6.24 4.72 30.69
CA SER B 40 6.21 3.28 30.93
C SER B 40 7.57 2.58 30.91
N HIS B 41 8.52 3.11 30.15
CA HIS B 41 9.77 2.37 29.89
C HIS B 41 11.06 3.01 30.41
N ILE B 42 10.94 4.01 31.27
CA ILE B 42 12.13 4.57 31.94
C ILE B 42 12.52 3.70 33.15
N HIS B 43 13.81 3.37 33.22
CA HIS B 43 14.37 2.66 34.36
C HIS B 43 13.98 3.41 35.62
N PHE B 44 13.21 2.80 36.51
CA PHE B 44 12.50 3.59 37.51
C PHE B 44 13.42 4.29 38.52
N VAL B 45 14.56 3.66 38.83
CA VAL B 45 15.52 4.28 39.74
C VAL B 45 16.10 5.60 39.19
N GLU B 46 15.99 5.84 37.88
CA GLU B 46 16.64 7.00 37.28
C GLU B 46 15.73 8.20 37.08
N VAL B 47 14.52 8.13 37.63
CA VAL B 47 13.60 9.25 37.53
C VAL B 47 14.07 10.43 38.38
N ASN B 48 13.50 11.60 38.06
CA ASN B 48 13.71 12.87 38.75
C ASN B 48 14.10 12.72 40.22
N LYS B 49 15.23 13.34 40.59
CA LYS B 49 15.75 13.35 41.96
C LYS B 49 14.73 13.66 43.04
N GLU B 50 13.75 14.52 42.74
N GLU B 50 13.75 14.51 42.73
CA GLU B 50 12.82 14.99 43.75
CA GLU B 50 12.80 14.99 43.75
C GLU B 50 11.60 14.08 43.97
C GLU B 50 11.61 14.05 43.99
N LEU B 51 11.52 12.97 43.21
CA LEU B 51 10.59 11.90 43.56
C LEU B 51 11.21 11.09 44.70
N LEU B 52 10.44 10.93 45.77
CA LEU B 52 10.89 10.21 46.96
C LEU B 52 10.23 8.84 46.98
N PHE B 53 11.06 7.81 47.01
CA PHE B 53 10.64 6.42 47.13
C PHE B 53 11.87 5.60 47.50
N ASP B 54 11.68 4.33 47.83
CA ASP B 54 12.79 3.44 48.14
C ASP B 54 13.52 3.15 46.82
N ARG B 55 14.59 3.88 46.57
CA ARG B 55 15.26 3.84 45.25
C ARG B 55 15.71 2.43 44.88
N ALA B 56 16.13 1.65 45.86
CA ALA B 56 16.53 0.27 45.60
C ALA B 56 15.42 -0.54 44.93
N GLU B 57 14.17 -0.23 45.24
CA GLU B 57 13.03 -0.96 44.65
C GLU B 57 12.72 -0.56 43.21
N GLY B 58 13.35 0.49 42.72
CA GLY B 58 13.21 0.87 41.31
C GLY B 58 14.28 0.28 40.39
N ILE B 59 15.29 -0.36 40.96
CA ILE B 59 16.39 -0.91 40.18
C ILE B 59 15.95 -2.14 39.38
N GLY B 60 16.27 -2.12 38.09
CA GLY B 60 15.90 -3.19 37.19
C GLY B 60 14.42 -3.29 36.90
N ARG B 61 13.70 -2.18 37.11
CA ARG B 61 12.24 -2.15 37.00
C ARG B 61 11.76 -0.93 36.24
N ARG B 62 10.49 -0.97 35.87
CA ARG B 62 9.78 0.12 35.20
C ARG B 62 8.30 -0.01 35.55
N LEU B 63 7.54 1.01 35.22
CA LEU B 63 6.10 0.98 35.50
C LEU B 63 5.39 -0.17 34.76
N ASN B 64 4.53 -0.89 35.50
CA ASN B 64 3.70 -1.94 34.90
C ASN B 64 2.42 -1.35 34.33
N ILE B 65 2.57 -0.55 33.28
CA ILE B 65 1.45 0.14 32.65
C ILE B 65 1.58 -0.06 31.13
N PRO B 66 0.48 0.09 30.39
CA PRO B 66 0.54 -0.12 28.96
C PRO B 66 1.64 0.71 28.32
N SER B 67 2.32 0.09 27.37
CA SER B 67 3.36 0.74 26.61
C SER B 67 2.85 2.08 26.05
N GLY B 68 3.59 3.16 26.32
CA GLY B 68 3.23 4.50 25.83
C GLY B 68 2.38 5.34 26.78
N THR B 69 2.05 4.79 27.95
CA THR B 69 1.31 5.54 28.97
C THR B 69 2.28 6.00 30.07
N ALA B 70 1.76 6.68 31.08
CA ALA B 70 2.58 7.31 32.09
C ALA B 70 1.85 7.45 33.41
N ALA B 71 2.62 7.68 34.47
CA ALA B 71 2.10 8.05 35.78
C ALA B 71 2.44 9.52 36.06
N ARG B 72 1.43 10.32 36.41
CA ARG B 72 1.62 11.75 36.66
C ARG B 72 1.51 12.09 38.15
N PHE B 73 2.53 12.79 38.65
CA PHE B 73 2.61 13.21 40.05
C PHE B 73 2.57 14.73 40.11
N GLU B 74 1.46 15.28 40.61
CA GLU B 74 1.36 16.71 40.83
C GLU B 74 2.26 17.08 42.02
N PRO B 75 2.58 18.37 42.18
CA PRO B 75 3.43 18.76 43.31
C PRO B 75 2.86 18.32 44.64
N GLY B 76 3.70 17.68 45.46
CA GLY B 76 3.28 17.17 46.76
C GLY B 76 2.52 15.85 46.73
N GLU B 77 2.19 15.34 45.54
CA GLU B 77 1.31 14.17 45.42
C GLU B 77 2.07 12.87 45.68
N GLU B 78 1.51 12.04 46.56
CA GLU B 78 1.97 10.66 46.78
C GLU B 78 1.00 9.68 46.15
N MET B 79 1.51 8.68 45.43
CA MET B 79 0.69 7.66 44.78
C MET B 79 1.37 6.32 44.96
N GLU B 80 0.58 5.25 44.99
CA GLU B 80 1.08 3.91 44.91
C GLU B 80 1.14 3.54 43.43
N VAL B 81 2.27 2.97 42.99
CA VAL B 81 2.40 2.48 41.61
C VAL B 81 2.85 1.04 41.63
N GLU B 82 2.57 0.33 40.56
CA GLU B 82 3.04 -1.03 40.39
C GLU B 82 4.14 -1.03 39.32
N LEU B 83 5.24 -1.68 39.68
CA LEU B 83 6.37 -1.86 38.79
C LEU B 83 6.42 -3.30 38.27
N THR B 84 7.01 -3.43 37.09
CA THR B 84 7.38 -4.73 36.53
C THR B 84 8.88 -4.76 36.31
N GLU B 85 9.39 -5.95 36.02
CA GLU B 85 10.82 -6.13 35.76
C GLU B 85 11.17 -5.73 34.33
N LEU B 86 12.33 -5.10 34.17
CA LEU B 86 12.91 -4.96 32.84
C LEU B 86 13.19 -6.34 32.27
N GLY B 87 13.19 -6.44 30.95
CA GLY B 87 13.48 -7.67 30.24
C GLY B 87 14.73 -7.54 29.39
N GLY B 88 14.77 -8.33 28.33
CA GLY B 88 15.92 -8.39 27.45
C GLY B 88 17.19 -8.72 28.23
N ASN B 89 18.25 -7.97 27.95
CA ASN B 89 19.52 -8.18 28.62
C ASN B 89 19.59 -7.62 30.04
N ARG B 90 18.54 -6.91 30.46
CA ARG B 90 18.51 -6.26 31.76
C ARG B 90 19.75 -5.40 31.98
N GLU B 91 19.98 -4.51 31.00
CA GLU B 91 21.02 -3.52 31.06
C GLU B 91 20.39 -2.17 30.79
N VAL B 92 20.92 -1.12 31.39
CA VAL B 92 20.46 0.24 31.11
C VAL B 92 21.67 1.12 30.89
N PHE B 93 21.61 1.92 29.84
CA PHE B 93 22.65 2.89 29.51
C PHE B 93 22.03 4.26 29.35
N GLY B 94 22.79 5.28 29.69
CA GLY B 94 22.32 6.65 29.52
C GLY B 94 21.25 7.01 30.52
N ILE B 95 20.22 7.70 30.03
CA ILE B 95 19.18 8.30 30.88
C ILE B 95 19.80 9.27 31.89
N SER B 96 19.93 8.87 33.16
CA SER B 96 20.52 9.70 34.19
C SER B 96 21.98 9.30 34.51
N ASP B 97 22.49 8.34 33.75
CA ASP B 97 23.85 7.81 33.92
C ASP B 97 24.07 7.16 35.29
N LEU B 98 23.01 6.59 35.87
CA LEU B 98 23.14 5.89 37.15
C LEU B 98 23.56 4.43 37.00
N THR B 99 23.33 3.84 35.83
CA THR B 99 23.52 2.40 35.66
C THR B 99 24.67 2.08 34.69
N ASN B 100 24.49 2.46 33.43
CA ASN B 100 25.48 2.17 32.39
C ASN B 100 26.08 0.78 32.47
N GLY B 101 25.20 -0.21 32.41
CA GLY B 101 25.59 -1.61 32.44
C GLY B 101 24.46 -2.46 32.99
N SER B 102 24.83 -3.57 33.61
CA SER B 102 23.84 -4.46 34.20
C SER B 102 23.10 -3.79 35.35
N VAL B 103 21.79 -4.03 35.40
CA VAL B 103 21.00 -3.59 36.55
C VAL B 103 21.28 -4.40 37.82
N ASP B 104 22.06 -5.47 37.70
CA ASP B 104 22.45 -6.29 38.85
C ASP B 104 23.37 -5.56 39.83
N ASN B 105 24.03 -4.50 39.35
CA ASN B 105 25.03 -3.78 40.16
C ASN B 105 24.34 -2.77 41.08
N LYS B 106 23.55 -3.30 42.01
CA LYS B 106 22.69 -2.49 42.87
C LYS B 106 23.49 -1.50 43.72
N GLU B 107 24.61 -1.96 44.28
N GLU B 107 24.60 -1.98 44.30
CA GLU B 107 25.40 -1.13 45.17
CA GLU B 107 25.45 -1.16 45.16
C GLU B 107 25.99 0.08 44.43
C GLU B 107 25.97 0.07 44.43
N LEU B 108 26.47 -0.13 43.20
CA LEU B 108 27.04 0.95 42.40
C LEU B 108 25.96 1.97 42.00
N ILE B 109 24.81 1.46 41.57
CA ILE B 109 23.70 2.33 41.16
C ILE B 109 23.30 3.24 42.34
N LEU B 110 23.14 2.63 43.51
CA LEU B 110 22.72 3.39 44.70
C LEU B 110 23.78 4.37 45.19
N GLN B 111 25.07 4.00 45.07
CA GLN B 111 26.15 4.91 45.43
C GLN B 111 26.09 6.16 44.55
N ARG B 112 25.90 5.96 43.26
CA ARG B 112 25.80 7.07 42.32
C ARG B 112 24.56 7.93 42.60
N ALA B 113 23.44 7.26 42.85
CA ALA B 113 22.18 7.96 43.12
C ALA B 113 22.32 8.83 44.37
N LYS B 114 22.95 8.27 45.41
CA LYS B 114 23.08 9.00 46.67
C LYS B 114 23.99 10.21 46.50
N GLU B 115 25.11 10.02 45.82
CA GLU B 115 26.08 11.10 45.61
C GLU B 115 25.47 12.27 44.84
N LEU B 116 24.57 11.96 43.91
CA LEU B 116 23.92 12.96 43.07
C LEU B 116 22.62 13.53 43.65
N GLY B 117 22.18 13.02 44.79
CA GLY B 117 21.03 13.59 45.48
C GLY B 117 19.68 13.08 45.02
N TYR B 118 19.63 11.86 44.47
CA TYR B 118 18.36 11.22 44.15
C TYR B 118 17.71 10.77 45.44
N LYS B 119 16.52 11.29 45.73
CA LYS B 119 15.90 11.07 47.05
C LYS B 119 15.45 9.63 47.27
N GLY B 120 15.71 9.12 48.47
CA GLY B 120 15.24 7.82 48.89
C GLY B 120 16.26 6.68 48.88
N VAL B 121 17.54 7.00 48.84
CA VAL B 121 18.60 5.99 49.03
C VAL B 121 18.83 5.80 50.53
N GLU B 122 18.82 4.55 50.98
CA GLU B 122 18.80 4.24 52.42
C GLU B 122 20.17 4.41 53.09
N MET C 1 -1.59 -6.51 35.03
N MET C 1 -1.98 -6.97 35.09
CA MET C 1 -2.66 -5.70 34.41
CA MET C 1 -2.52 -5.80 34.34
C MET C 1 -3.04 -6.27 33.05
C MET C 1 -3.03 -6.29 32.99
N LYS C 2 -4.33 -6.18 32.75
CA LYS C 2 -4.91 -6.58 31.46
C LYS C 2 -5.63 -5.41 30.80
N ILE C 3 -5.62 -5.40 29.47
CA ILE C 3 -6.24 -4.39 28.63
C ILE C 3 -7.32 -5.10 27.83
N ASN C 4 -8.52 -4.54 27.73
CA ASN C 4 -9.51 -5.20 26.89
C ASN C 4 -9.13 -5.05 25.42
N ARG C 5 -9.70 -5.94 24.61
N ARG C 5 -9.69 -5.91 24.57
CA ARG C 5 -9.39 -6.05 23.20
CA ARG C 5 -9.24 -5.97 23.18
C ARG C 5 -9.64 -4.78 22.41
C ARG C 5 -9.67 -4.78 22.33
N GLN C 6 -10.79 -4.15 22.66
CA GLN C 6 -11.18 -2.95 21.93
C GLN C 6 -10.16 -1.85 22.17
N GLN C 7 -9.79 -1.65 23.43
CA GLN C 7 -8.85 -0.62 23.80
C GLN C 7 -7.44 -0.96 23.29
N TYR C 8 -7.06 -2.22 23.38
CA TYR C 8 -5.75 -2.63 22.84
C TYR C 8 -5.66 -2.29 21.34
N ALA C 9 -6.69 -2.67 20.58
CA ALA C 9 -6.68 -2.45 19.14
C ALA C 9 -6.67 -0.97 18.79
N GLU C 10 -7.40 -0.16 19.56
N GLU C 10 -7.40 -0.16 19.55
CA GLU C 10 -7.40 1.30 19.37
CA GLU C 10 -7.39 1.29 19.35
C GLU C 10 -6.03 1.93 19.62
C GLU C 10 -6.00 1.90 19.57
N SER C 11 -5.26 1.37 20.55
CA SER C 11 -3.94 1.92 20.90
C SER C 11 -2.80 1.41 20.02
N TYR C 12 -2.82 0.12 19.67
CA TYR C 12 -1.67 -0.53 19.01
C TYR C 12 -1.99 -1.16 17.67
N GLY C 13 -3.22 -0.99 17.20
CA GLY C 13 -3.71 -1.77 16.08
C GLY C 13 -4.13 -3.16 16.53
N PRO C 14 -4.80 -3.92 15.64
CA PRO C 14 -5.38 -5.20 16.03
C PRO C 14 -4.34 -6.27 16.32
N THR C 15 -4.75 -7.29 17.09
CA THR C 15 -3.85 -8.41 17.38
C THR C 15 -4.56 -9.74 17.06
N VAL C 16 -3.96 -10.85 17.46
CA VAL C 16 -4.33 -12.17 16.95
C VAL C 16 -5.82 -12.47 17.13
N GLY C 17 -6.47 -12.81 16.01
CA GLY C 17 -7.90 -13.12 16.02
C GLY C 17 -8.84 -11.95 15.74
N ASP C 18 -8.34 -10.73 15.88
CA ASP C 18 -9.13 -9.54 15.55
C ASP C 18 -9.34 -9.46 14.04
N GLN C 19 -10.48 -8.93 13.61
CA GLN C 19 -10.78 -8.72 12.21
C GLN C 19 -10.94 -7.25 11.86
N VAL C 20 -10.66 -6.94 10.60
CA VAL C 20 -10.76 -5.58 10.06
C VAL C 20 -11.50 -5.63 8.73
N ARG C 21 -12.49 -4.74 8.56
CA ARG C 21 -13.18 -4.60 7.30
C ARG C 21 -12.31 -3.85 6.28
N LEU C 22 -12.26 -4.37 5.07
CA LEU C 22 -11.55 -3.66 4.00
C LEU C 22 -12.45 -2.58 3.38
N ALA C 23 -12.13 -1.32 3.64
CA ALA C 23 -12.90 -0.19 3.13
C ALA C 23 -14.39 -0.42 3.46
N ASP C 24 -15.28 -0.21 2.49
CA ASP C 24 -16.73 -0.40 2.66
C ASP C 24 -17.21 -1.68 1.96
N THR C 25 -16.29 -2.62 1.74
CA THR C 25 -16.63 -3.94 1.25
C THR C 25 -17.18 -4.83 2.38
N ASP C 26 -17.60 -6.02 2.00
N ASP C 26 -17.64 -6.03 2.07
CA ASP C 26 -18.00 -7.08 2.93
CA ASP C 26 -17.94 -7.02 3.14
C ASP C 26 -16.81 -7.98 3.34
C ASP C 26 -16.81 -8.03 3.28
N LEU C 27 -15.59 -7.62 2.94
CA LEU C 27 -14.41 -8.47 3.14
C LEU C 27 -13.76 -8.16 4.48
N TRP C 28 -13.47 -9.21 5.25
CA TRP C 28 -12.84 -9.10 6.56
C TRP C 28 -11.55 -9.88 6.58
N ILE C 29 -10.47 -9.22 7.01
CA ILE C 29 -9.21 -9.91 7.22
C ILE C 29 -8.95 -10.09 8.72
N GLU C 30 -8.35 -11.23 9.05
CA GLU C 30 -8.11 -11.61 10.43
C GLU C 30 -6.61 -11.70 10.71
N VAL C 31 -6.18 -11.12 11.83
CA VAL C 31 -4.78 -11.20 12.23
C VAL C 31 -4.42 -12.66 12.58
N GLU C 32 -3.48 -13.24 11.84
CA GLU C 32 -3.15 -14.67 11.99
C GLU C 32 -2.14 -14.94 13.12
N LYS C 33 -1.23 -13.99 13.30
CA LYS C 33 -0.19 -14.08 14.34
C LYS C 33 0.33 -12.68 14.58
N ASP C 34 1.07 -12.53 15.68
CA ASP C 34 1.58 -11.21 16.09
C ASP C 34 2.96 -11.43 16.69
N TYR C 35 3.94 -10.73 16.15
CA TYR C 35 5.34 -10.84 16.57
C TYR C 35 5.69 -10.05 17.83
N THR C 36 4.73 -9.31 18.41
CA THR C 36 5.06 -8.46 19.55
C THR C 36 5.27 -9.26 20.84
N THR C 37 5.74 -8.55 21.86
CA THR C 37 5.68 -9.03 23.23
C THR C 37 4.77 -8.04 23.96
N TYR C 38 3.62 -8.52 24.44
CA TYR C 38 2.64 -7.64 25.03
C TYR C 38 3.21 -6.91 26.25
N GLY C 39 3.15 -5.58 26.17
CA GLY C 39 3.74 -4.70 27.16
C GLY C 39 4.98 -3.98 26.65
N ASP C 40 5.63 -4.53 25.63
CA ASP C 40 6.85 -3.94 25.05
C ASP C 40 6.62 -3.43 23.62
N GLU C 41 5.37 -3.15 23.26
CA GLU C 41 5.06 -2.59 21.94
C GLU C 41 5.86 -1.33 21.73
N ALA C 42 6.39 -1.15 20.52
CA ALA C 42 7.08 0.07 20.15
C ALA C 42 6.04 1.14 19.80
N ASN C 43 6.30 2.36 20.24
CA ASN C 43 5.51 3.53 19.82
C ASN C 43 6.35 4.76 20.03
N PHE C 44 6.05 5.78 19.24
CA PHE C 44 6.82 7.00 19.23
C PHE C 44 5.93 8.21 19.49
N GLY C 45 6.50 9.18 20.19
CA GLY C 45 5.85 10.46 20.46
C GLY C 45 6.21 11.01 21.82
N GLY C 46 5.51 12.06 22.23
CA GLY C 46 5.78 12.68 23.51
C GLY C 46 5.54 11.71 24.65
N GLY C 47 6.56 11.47 25.46
CA GLY C 47 6.47 10.56 26.60
C GLY C 47 6.22 9.10 26.25
N LYS C 48 6.58 8.70 25.03
CA LYS C 48 6.28 7.35 24.54
C LYS C 48 7.50 6.41 24.73
N VAL C 49 7.52 5.26 24.07
CA VAL C 49 8.49 4.20 24.39
C VAL C 49 9.83 4.34 23.67
N LEU C 50 9.80 4.83 22.44
CA LEU C 50 11.04 4.92 21.64
C LEU C 50 11.82 6.19 21.97
N ARG C 51 12.46 6.14 23.14
CA ARG C 51 13.27 7.22 23.70
C ARG C 51 14.57 6.62 24.24
N GLU C 52 15.63 7.44 24.20
CA GLU C 52 16.97 6.98 24.52
C GLU C 52 17.07 6.35 25.92
N GLY C 53 17.67 5.17 25.96
CA GLY C 53 17.81 4.38 27.18
C GLY C 53 16.62 3.50 27.46
N MET C 54 15.54 3.70 26.69
CA MET C 54 14.26 3.04 26.92
C MET C 54 14.04 2.13 25.72
N GLY C 55 13.01 2.37 24.91
CA GLY C 55 12.82 1.61 23.67
C GLY C 55 13.81 1.93 22.55
N GLU C 56 14.51 3.06 22.66
CA GLU C 56 15.61 3.38 21.75
C GLU C 56 16.94 3.12 22.45
N ASN C 57 17.76 2.30 21.81
CA ASN C 57 19.13 2.02 22.25
C ASN C 57 20.03 3.22 21.98
N GLY C 58 20.83 3.61 22.97
CA GLY C 58 21.74 4.75 22.85
C GLY C 58 23.21 4.41 22.66
N THR C 59 23.50 3.12 22.45
CA THR C 59 24.87 2.58 22.44
C THR C 59 25.39 2.32 21.02
N TYR C 60 24.57 1.69 20.20
CA TYR C 60 25.04 1.13 18.92
C TYR C 60 25.08 2.13 17.77
N THR C 61 26.15 2.04 17.00
CA THR C 61 26.26 2.79 15.75
C THR C 61 25.34 2.16 14.71
N ARG C 62 25.14 2.87 13.60
CA ARG C 62 24.21 2.42 12.59
C ARG C 62 24.51 1.01 12.08
N THR C 63 25.78 0.69 11.88
N THR C 63 25.78 0.70 11.85
CA THR C 63 26.18 -0.61 11.32
CA THR C 63 26.17 -0.59 11.28
C THR C 63 25.95 -1.76 12.34
C THR C 63 25.76 -1.77 12.14
N GLU C 64 25.72 -1.42 13.61
N GLU C 64 25.71 -1.55 13.44
CA GLU C 64 25.55 -2.44 14.66
CA GLU C 64 25.59 -2.65 14.38
C GLU C 64 24.07 -2.84 14.89
C GLU C 64 24.15 -2.87 14.82
N ASN C 65 23.42 -3.45 13.89
CA ASN C 65 22.05 -3.96 14.06
C ASN C 65 20.98 -2.91 14.24
N VAL C 66 21.32 -1.65 13.92
CA VAL C 66 20.39 -0.54 14.03
C VAL C 66 19.70 -0.30 12.68
N LEU C 67 18.44 0.09 12.74
CA LEU C 67 17.63 0.37 11.54
C LEU C 67 17.70 1.82 11.10
N ASP C 68 17.54 2.06 9.80
CA ASP C 68 17.26 3.41 9.30
C ASP C 68 15.81 3.85 9.54
N LEU C 69 14.91 2.88 9.57
CA LEU C 69 13.48 3.14 9.65
C LEU C 69 12.78 1.98 10.29
N LEU C 70 11.89 2.26 11.25
CA LEU C 70 11.01 1.26 11.83
C LEU C 70 9.56 1.71 11.58
N LEU C 71 8.77 0.83 10.94
CA LEU C 71 7.31 0.97 10.87
C LEU C 71 6.77 0.18 12.05
N THR C 72 6.16 0.87 13.00
CA THR C 72 5.67 0.23 14.20
C THR C 72 4.25 -0.31 14.04
N ASN C 73 4.03 -1.53 14.51
CA ASN C 73 2.67 -2.08 14.66
C ASN C 73 1.87 -2.20 13.36
N ALA C 74 2.52 -2.69 12.29
CA ALA C 74 1.87 -2.83 10.99
C ALA C 74 0.99 -4.07 10.94
N LEU C 75 -0.19 -3.94 10.34
CA LEU C 75 -0.98 -5.11 9.93
C LEU C 75 -0.64 -5.40 8.47
N ILE C 76 0.18 -6.42 8.27
CA ILE C 76 0.68 -6.80 6.96
C ILE C 76 -0.37 -7.67 6.25
N LEU C 77 -0.67 -7.30 5.00
CA LEU C 77 -1.51 -8.11 4.11
C LEU C 77 -0.65 -8.43 2.89
N ASP C 78 -0.28 -9.70 2.76
CA ASP C 78 0.70 -10.14 1.76
C ASP C 78 0.42 -11.60 1.39
N TYR C 79 0.95 -12.06 0.26
CA TYR C 79 0.77 -13.48 -0.10
C TYR C 79 1.34 -14.41 1.00
N THR C 80 2.33 -13.92 1.76
CA THR C 80 2.98 -14.70 2.81
C THR C 80 2.20 -14.80 4.11
N GLY C 81 1.15 -13.99 4.26
CA GLY C 81 0.39 -13.98 5.50
C GLY C 81 -0.32 -12.67 5.75
N ILE C 82 -1.27 -12.72 6.68
CA ILE C 82 -1.96 -11.56 7.19
C ILE C 82 -1.66 -11.55 8.69
N TYR C 83 -0.79 -10.64 9.13
CA TYR C 83 -0.23 -10.73 10.47
C TYR C 83 0.30 -9.38 10.95
N LYS C 84 0.56 -9.31 12.25
CA LYS C 84 0.95 -8.09 12.91
C LYS C 84 2.45 -8.13 13.23
N ALA C 85 3.18 -7.11 12.79
CA ALA C 85 4.61 -7.02 13.04
C ALA C 85 5.12 -5.60 12.90
N ASP C 86 6.29 -5.35 13.47
CA ASP C 86 7.07 -4.17 13.13
C ASP C 86 7.87 -4.50 11.85
N ILE C 87 8.12 -3.50 11.01
CA ILE C 87 8.92 -3.69 9.79
C ILE C 87 10.15 -2.79 9.85
N GLY C 88 11.33 -3.41 9.71
CA GLY C 88 12.59 -2.69 9.79
C GLY C 88 13.25 -2.56 8.42
N VAL C 89 13.67 -1.34 8.11
CA VAL C 89 14.25 -1.00 6.82
C VAL C 89 15.66 -0.43 7.04
N LYS C 90 16.58 -0.82 6.16
CA LYS C 90 17.95 -0.33 6.20
C LYS C 90 18.52 -0.38 4.79
N ASP C 91 19.26 0.66 4.42
CA ASP C 91 19.83 0.77 3.06
C ASP C 91 18.75 0.66 1.97
N GLY C 92 17.52 1.09 2.28
CA GLY C 92 16.44 1.07 1.31
C GLY C 92 15.72 -0.26 1.15
N TYR C 93 16.14 -1.27 1.91
CA TYR C 93 15.61 -2.63 1.83
C TYR C 93 14.94 -3.04 3.15
N ILE C 94 13.99 -3.95 3.06
CA ILE C 94 13.39 -4.56 4.23
C ILE C 94 14.43 -5.53 4.80
N VAL C 95 14.91 -5.27 6.00
CA VAL C 95 15.90 -6.15 6.61
C VAL C 95 15.35 -7.00 7.76
N GLY C 96 14.23 -6.59 8.34
CA GLY C 96 13.63 -7.35 9.42
C GLY C 96 12.13 -7.19 9.45
N ILE C 97 11.44 -8.29 9.71
CA ILE C 97 10.01 -8.26 10.00
C ILE C 97 9.88 -9.01 11.32
N GLY C 98 9.37 -8.34 12.34
CA GLY C 98 9.38 -8.94 13.68
C GLY C 98 9.03 -7.93 14.75
N LYS C 99 9.96 -7.71 15.67
CA LYS C 99 9.72 -6.85 16.82
C LYS C 99 10.91 -5.93 16.99
N GLY C 100 10.67 -4.62 16.89
CA GLY C 100 11.73 -3.63 17.00
C GLY C 100 11.81 -3.00 18.37
N GLY C 101 12.95 -2.41 18.69
CA GLY C 101 13.11 -1.71 19.94
C GLY C 101 14.52 -1.85 20.47
N ASN C 102 14.63 -2.08 21.79
CA ASN C 102 15.92 -2.03 22.47
C ASN C 102 16.15 -3.30 23.29
N PRO C 103 17.09 -4.16 22.84
CA PRO C 103 17.39 -5.38 23.60
C PRO C 103 17.90 -5.16 25.03
N ASP C 104 18.33 -3.93 25.37
CA ASP C 104 18.75 -3.60 26.73
C ASP C 104 17.66 -4.01 27.73
N ILE C 105 16.40 -3.66 27.39
CA ILE C 105 15.31 -3.73 28.36
C ILE C 105 14.03 -4.43 27.90
N MET C 106 13.89 -4.70 26.60
CA MET C 106 12.68 -5.31 26.06
C MET C 106 12.90 -6.78 25.77
N ASP C 107 11.86 -7.59 26.01
CA ASP C 107 11.86 -8.97 25.58
C ASP C 107 11.50 -9.09 24.10
N GLY C 108 12.09 -10.09 23.45
CA GLY C 108 11.65 -10.52 22.14
C GLY C 108 12.01 -9.61 20.98
N VAL C 109 13.05 -8.80 21.13
CA VAL C 109 13.47 -7.90 20.05
C VAL C 109 14.23 -8.70 18.98
N THR C 110 13.79 -8.57 17.74
CA THR C 110 14.47 -9.20 16.61
C THR C 110 15.90 -8.61 16.54
N PRO C 111 16.94 -9.47 16.49
CA PRO C 111 18.28 -8.93 16.75
C PRO C 111 18.78 -7.80 15.85
N ASN C 112 18.32 -7.76 14.59
CA ASN C 112 18.73 -6.69 13.67
C ASN C 112 17.69 -5.58 13.54
N MET C 113 16.78 -5.49 14.50
CA MET C 113 15.74 -4.46 14.49
C MET C 113 15.86 -3.50 15.67
N ILE C 114 17.09 -3.08 15.94
CA ILE C 114 17.32 -2.13 17.01
C ILE C 114 16.95 -0.71 16.56
N VAL C 115 16.13 -0.04 17.38
CA VAL C 115 15.90 1.39 17.22
C VAL C 115 17.05 2.11 17.93
N GLY C 116 17.81 2.85 17.14
CA GLY C 116 18.98 3.55 17.65
C GLY C 116 18.98 5.01 17.23
N THR C 117 20.11 5.66 17.43
CA THR C 117 20.24 7.05 17.05
C THR C 117 19.87 7.25 15.56
N ALA C 118 20.22 6.28 14.72
CA ALA C 118 20.03 6.38 13.27
C ALA C 118 18.61 6.12 12.77
N THR C 119 17.67 5.82 13.66
CA THR C 119 16.38 5.29 13.26
C THR C 119 15.26 6.35 13.21
N GLU C 120 14.65 6.46 12.03
CA GLU C 120 13.39 7.19 11.81
C GLU C 120 12.21 6.27 12.17
N VAL C 121 11.08 6.86 12.53
CA VAL C 121 9.90 6.06 12.87
C VAL C 121 8.68 6.51 12.07
N ILE C 122 8.00 5.52 11.50
CA ILE C 122 6.67 5.68 10.92
C ILE C 122 5.70 4.83 11.75
N ALA C 123 4.62 5.45 12.23
CA ALA C 123 3.62 4.74 13.02
C ALA C 123 2.65 4.04 12.10
N ALA C 124 2.64 2.71 12.14
CA ALA C 124 1.68 1.95 11.34
C ALA C 124 0.53 1.34 12.17
N GLU C 125 0.49 1.61 13.48
CA GLU C 125 -0.63 1.15 14.29
C GLU C 125 -1.95 1.65 13.70
N GLY C 126 -2.86 0.72 13.46
CA GLY C 126 -4.14 1.01 12.86
C GLY C 126 -4.13 1.11 11.35
N LYS C 127 -2.98 0.86 10.74
CA LYS C 127 -2.86 0.84 9.28
C LYS C 127 -2.69 -0.58 8.79
N ILE C 128 -3.14 -0.81 7.55
CA ILE C 128 -2.80 -2.00 6.80
C ILE C 128 -1.62 -1.62 5.91
N VAL C 129 -0.61 -2.49 5.88
CA VAL C 129 0.57 -2.26 5.07
C VAL C 129 0.68 -3.37 4.04
N THR C 130 0.82 -2.99 2.78
CA THR C 130 1.02 -3.93 1.70
C THR C 130 2.28 -3.57 0.89
N ALA C 131 2.75 -4.53 0.12
CA ALA C 131 3.72 -4.27 -0.93
C ALA C 131 3.14 -3.26 -1.90
N GLY C 132 4.02 -2.50 -2.53
CA GLY C 132 3.61 -1.66 -3.66
C GLY C 132 3.12 -2.52 -4.81
N GLY C 133 2.10 -2.02 -5.51
CA GLY C 133 1.58 -2.71 -6.66
C GLY C 133 2.55 -2.73 -7.83
N ILE C 134 2.53 -3.85 -8.55
CA ILE C 134 3.38 -4.09 -9.71
C ILE C 134 2.46 -4.15 -10.92
N ASP C 135 2.45 -3.07 -11.71
CA ASP C 135 1.62 -2.97 -12.90
C ASP C 135 2.48 -3.29 -14.10
N THR C 136 2.17 -4.40 -14.77
CA THR C 136 2.96 -4.90 -15.88
C THR C 136 2.31 -4.64 -17.24
N HIS C 137 1.25 -3.84 -17.26
CA HIS C 137 0.63 -3.45 -18.53
C HIS C 137 0.43 -1.94 -18.57
N VAL C 138 1.53 -1.22 -18.72
CA VAL C 138 1.52 0.24 -18.71
C VAL C 138 1.86 0.78 -20.07
N HIS C 139 1.03 1.67 -20.60
CA HIS C 139 1.37 2.46 -21.76
C HIS C 139 1.89 3.80 -21.30
N PHE C 140 3.12 4.13 -21.70
CA PHE C 140 3.72 5.41 -21.34
C PHE C 140 3.24 6.46 -22.34
N ILE C 141 2.14 7.11 -21.97
CA ILE C 141 1.42 8.01 -22.85
C ILE C 141 1.42 9.46 -22.34
N ASN C 142 1.27 9.65 -21.03
CA ASN C 142 1.12 10.98 -20.42
C ASN C 142 1.81 10.92 -19.06
N PRO C 143 2.91 11.70 -18.85
CA PRO C 143 3.63 11.60 -17.56
C PRO C 143 2.76 11.86 -16.32
N ASP C 144 1.64 12.57 -16.48
CA ASP C 144 0.70 12.77 -15.38
C ASP C 144 0.11 11.45 -14.85
N GLN C 145 0.29 10.37 -15.61
CA GLN C 145 -0.19 9.05 -15.19
C GLN C 145 0.56 8.45 -14.00
N VAL C 146 1.74 8.98 -13.70
CA VAL C 146 2.54 8.44 -12.59
C VAL C 146 1.91 8.74 -11.23
N ASP C 147 1.52 10.00 -10.99
CA ASP C 147 0.88 10.32 -9.72
C ASP C 147 -0.46 9.58 -9.55
N VAL C 148 -1.17 9.38 -10.66
CA VAL C 148 -2.43 8.64 -10.65
C VAL C 148 -2.19 7.23 -10.10
N ALA C 149 -1.13 6.60 -10.58
CA ALA C 149 -0.74 5.26 -10.14
C ALA C 149 -0.30 5.24 -8.66
N LEU C 150 0.57 6.17 -8.27
CA LEU C 150 1.04 6.24 -6.89
C LEU C 150 -0.14 6.40 -5.90
N ALA C 151 -1.13 7.20 -6.28
CA ALA C 151 -2.24 7.51 -5.37
C ALA C 151 -3.09 6.26 -5.04
N ASN C 152 -3.08 5.26 -5.92
CA ASN C 152 -3.78 3.98 -5.64
C ASN C 152 -2.79 2.86 -5.32
N GLY C 153 -1.58 3.22 -4.88
CA GLY C 153 -0.66 2.23 -4.31
C GLY C 153 0.20 1.41 -5.26
N ILE C 154 0.41 1.91 -6.46
CA ILE C 154 1.27 1.25 -7.46
C ILE C 154 2.67 1.85 -7.37
N THR C 155 3.67 0.99 -7.35
CA THR C 155 5.07 1.43 -7.21
C THR C 155 6.01 0.97 -8.33
N THR C 156 5.56 0.09 -9.21
CA THR C 156 6.33 -0.33 -10.38
C THR C 156 5.47 -0.30 -11.63
N LEU C 157 5.98 0.32 -12.69
CA LEU C 157 5.34 0.38 -14.01
C LEU C 157 6.22 -0.34 -15.03
N PHE C 158 5.70 -1.45 -15.55
CA PHE C 158 6.32 -2.19 -16.65
C PHE C 158 5.43 -2.02 -17.88
N GLY C 159 6.04 -1.69 -19.01
CA GLY C 159 5.30 -1.50 -20.24
C GLY C 159 6.12 -0.74 -21.24
N GLY C 160 5.48 0.05 -22.11
CA GLY C 160 6.24 0.73 -23.15
C GLY C 160 5.50 1.92 -23.67
N GLY C 161 6.21 2.75 -24.43
CA GLY C 161 5.64 3.90 -25.10
C GLY C 161 6.57 5.08 -25.06
N THR C 162 6.31 6.04 -25.95
CA THR C 162 7.15 7.21 -26.11
C THR C 162 6.36 8.50 -25.87
N GLY C 163 5.17 8.39 -25.26
CA GLY C 163 4.24 9.51 -25.19
C GLY C 163 3.05 9.25 -26.11
N PRO C 164 2.29 10.31 -26.44
CA PRO C 164 1.03 10.12 -27.15
C PRO C 164 1.19 9.98 -28.68
N ALA C 165 2.09 9.08 -29.07
CA ALA C 165 2.21 8.61 -30.45
C ALA C 165 1.25 7.45 -30.64
N GLU C 166 0.69 7.31 -31.83
CA GLU C 166 -0.31 6.26 -32.07
C GLU C 166 0.23 4.86 -31.74
N GLY C 167 1.48 4.58 -32.05
CA GLY C 167 2.02 3.26 -31.70
C GLY C 167 1.89 2.97 -30.21
N SER C 168 2.25 3.95 -29.41
CA SER C 168 2.22 3.84 -27.94
C SER C 168 0.79 3.91 -27.37
N LYS C 169 -0.06 4.66 -28.04
CA LYS C 169 -1.47 4.75 -27.63
C LYS C 169 -2.21 3.43 -27.84
N ALA C 170 -1.70 2.58 -28.73
CA ALA C 170 -2.24 1.24 -28.95
C ALA C 170 -1.51 0.12 -28.21
N THR C 171 -0.18 0.23 -28.11
CA THR C 171 0.68 -0.90 -27.74
C THR C 171 1.70 -0.53 -26.66
N THR C 172 2.01 -1.47 -25.77
CA THR C 172 3.02 -1.24 -24.74
C THR C 172 4.43 -1.47 -25.32
N VAL C 173 4.84 -0.56 -26.20
CA VAL C 173 6.05 -0.78 -27.00
C VAL C 173 6.86 0.51 -27.07
N THR C 174 8.14 0.40 -26.71
CA THR C 174 9.13 1.43 -26.97
C THR C 174 10.05 0.86 -28.04
N PRO C 175 9.88 1.26 -29.32
CA PRO C 175 10.52 0.48 -30.38
C PRO C 175 11.96 0.89 -30.70
N GLY C 176 12.83 -0.11 -30.73
CA GLY C 176 14.18 0.08 -31.22
C GLY C 176 15.16 0.71 -30.25
N PRO C 177 16.47 0.56 -30.53
CA PRO C 177 17.46 1.07 -29.60
C PRO C 177 17.36 2.56 -29.25
N TRP C 178 17.05 3.43 -30.22
CA TRP C 178 17.06 4.86 -29.94
C TRP C 178 15.87 5.27 -29.06
N ASN C 179 14.67 4.82 -29.40
CA ASN C 179 13.52 5.14 -28.54
C ASN C 179 13.70 4.59 -27.14
N ILE C 180 14.26 3.39 -27.04
CA ILE C 180 14.53 2.79 -25.72
C ILE C 180 15.50 3.66 -24.92
N GLU C 181 16.61 4.08 -25.54
CA GLU C 181 17.57 4.95 -24.87
C GLU C 181 16.91 6.25 -24.41
N LYS C 182 16.09 6.84 -25.27
CA LYS C 182 15.43 8.10 -24.92
C LYS C 182 14.54 7.90 -23.69
N MET C 183 13.79 6.81 -23.66
CA MET C 183 12.83 6.57 -22.57
C MET C 183 13.54 6.15 -21.28
N LEU C 184 14.69 5.49 -21.37
CA LEU C 184 15.52 5.24 -20.19
C LEU C 184 15.99 6.55 -19.55
N LYS C 185 16.35 7.53 -20.38
N LYS C 185 16.33 7.52 -20.41
CA LYS C 185 16.74 8.83 -19.87
CA LYS C 185 16.75 8.85 -19.94
C LYS C 185 15.53 9.57 -19.28
C LYS C 185 15.57 9.64 -19.36
N SER C 186 14.38 9.51 -19.95
CA SER C 186 13.16 10.11 -19.42
C SER C 186 12.85 9.57 -18.03
N THR C 187 13.02 8.27 -17.89
CA THR C 187 12.73 7.55 -16.66
C THR C 187 13.51 8.10 -15.44
N GLU C 188 14.66 8.72 -15.68
CA GLU C 188 15.40 9.38 -14.59
C GLU C 188 14.57 10.41 -13.82
N GLY C 189 13.52 10.95 -14.45
CA GLY C 189 12.63 11.91 -13.81
C GLY C 189 11.27 11.39 -13.36
N LEU C 190 11.03 10.08 -13.45
CA LEU C 190 9.73 9.51 -13.09
C LEU C 190 9.83 8.87 -11.71
N PRO C 191 9.02 9.34 -10.74
CA PRO C 191 9.17 8.86 -9.37
C PRO C 191 8.43 7.54 -9.10
N ILE C 192 8.85 6.49 -9.79
CA ILE C 192 8.23 5.17 -9.69
C ILE C 192 9.25 4.19 -10.32
N ASN C 193 9.21 2.90 -9.96
CA ASN C 193 10.07 1.93 -10.64
C ASN C 193 9.57 1.74 -12.07
N VAL C 194 10.47 1.43 -12.99
CA VAL C 194 10.14 1.29 -14.41
C VAL C 194 10.89 0.14 -15.06
N GLY C 195 10.22 -0.60 -15.93
CA GLY C 195 10.87 -1.45 -16.92
C GLY C 195 10.22 -1.23 -18.28
N ILE C 196 11.02 -1.31 -19.34
CA ILE C 196 10.58 -0.95 -20.70
C ILE C 196 10.55 -2.16 -21.63
N LEU C 197 9.44 -2.31 -22.35
CA LEU C 197 9.27 -3.38 -23.33
C LEU C 197 9.56 -2.89 -24.73
N GLY C 198 10.36 -3.68 -25.46
CA GLY C 198 10.59 -3.45 -26.88
C GLY C 198 9.50 -4.08 -27.75
N LYS C 199 9.60 -3.82 -29.05
CA LYS C 199 8.65 -4.35 -30.01
C LYS C 199 8.98 -5.81 -30.32
N GLY C 200 8.06 -6.71 -29.97
CA GLY C 200 8.23 -8.15 -30.20
C GLY C 200 7.78 -8.58 -31.58
N HIS C 201 8.38 -7.95 -32.59
CA HIS C 201 8.00 -8.14 -33.98
C HIS C 201 9.21 -8.13 -34.86
N GLY C 202 9.21 -9.10 -35.78
CA GLY C 202 10.27 -9.25 -36.75
C GLY C 202 10.30 -10.68 -37.22
N SER C 203 10.98 -10.91 -38.34
CA SER C 203 11.20 -12.25 -38.85
C SER C 203 12.67 -12.65 -38.83
N SER C 204 13.54 -11.70 -38.46
CA SER C 204 14.94 -11.95 -38.19
C SER C 204 15.19 -11.65 -36.71
N ILE C 205 16.19 -12.30 -36.12
CA ILE C 205 16.47 -12.16 -34.70
C ILE C 205 17.08 -10.80 -34.35
N ALA C 206 18.03 -10.32 -35.16
CA ALA C 206 18.82 -9.13 -34.78
C ALA C 206 18.02 -7.86 -34.50
N PRO C 207 17.01 -7.53 -35.33
CA PRO C 207 16.23 -6.32 -35.02
C PRO C 207 15.48 -6.38 -33.69
N ILE C 208 15.10 -7.58 -33.29
CA ILE C 208 14.42 -7.75 -32.02
C ILE C 208 15.43 -7.73 -30.86
N MET C 209 16.48 -8.55 -30.97
CA MET C 209 17.48 -8.66 -29.92
C MET C 209 18.19 -7.33 -29.62
N GLU C 210 18.43 -6.49 -30.63
CA GLU C 210 19.18 -5.26 -30.37
C GLU C 210 18.42 -4.34 -29.40
N GLN C 211 17.10 -4.52 -29.30
CA GLN C 211 16.32 -3.78 -28.29
C GLN C 211 16.65 -4.22 -26.86
N ILE C 212 16.82 -5.53 -26.68
CA ILE C 212 17.21 -6.07 -25.38
C ILE C 212 18.60 -5.55 -24.98
N ASP C 213 19.54 -5.60 -25.92
CA ASP C 213 20.89 -5.11 -25.64
C ASP C 213 20.92 -3.62 -25.35
N ALA C 214 19.96 -2.88 -25.93
CA ALA C 214 19.86 -1.44 -25.71
C ALA C 214 19.32 -1.05 -24.34
N GLY C 215 18.68 -1.98 -23.64
CA GLY C 215 18.18 -1.72 -22.29
C GLY C 215 16.74 -2.11 -22.03
N ALA C 216 16.03 -2.66 -23.01
CA ALA C 216 14.70 -3.18 -22.75
C ALA C 216 14.75 -4.31 -21.73
N ALA C 217 13.66 -4.42 -20.98
CA ALA C 217 13.49 -5.41 -19.92
C ALA C 217 12.57 -6.58 -20.32
N GLY C 218 12.10 -6.55 -21.55
CA GLY C 218 11.16 -7.56 -22.06
C GLY C 218 10.65 -7.12 -23.40
N LEU C 219 9.69 -7.89 -23.94
CA LEU C 219 9.09 -7.62 -25.24
C LEU C 219 7.58 -7.68 -25.15
N KCX C 220 6.93 -6.92 -26.04
CA KCX C 220 5.48 -7.02 -26.28
CB KCX C 220 4.83 -5.66 -26.01
CG KCX C 220 3.35 -5.59 -26.43
CD KCX C 220 2.43 -6.43 -25.53
CE KCX C 220 0.94 -6.20 -25.78
NZ KCX C 220 0.55 -4.85 -25.42
C KCX C 220 5.21 -7.42 -27.71
O KCX C 220 5.63 -6.75 -28.66
CX KCX C 220 -0.74 -4.50 -25.30
OQ1 KCX C 220 -1.66 -5.30 -25.44
OQ2 KCX C 220 -0.98 -3.23 -25.01
N ILE C 221 4.50 -8.54 -27.86
CA ILE C 221 3.89 -8.94 -29.13
C ILE C 221 2.47 -8.37 -29.12
N HIS C 222 2.14 -7.57 -30.13
CA HIS C 222 0.83 -6.94 -30.24
C HIS C 222 0.28 -7.07 -31.66
N GLU C 223 -0.99 -7.44 -31.78
CA GLU C 223 -1.58 -7.61 -33.11
C GLU C 223 -1.51 -6.36 -33.99
N ASP C 224 -1.50 -5.17 -33.40
CA ASP C 224 -1.44 -3.94 -34.19
C ASP C 224 -0.09 -3.80 -34.93
N TRP C 225 0.94 -4.55 -34.51
CA TRP C 225 2.21 -4.64 -35.25
C TRP C 225 2.36 -5.98 -36.01
N GLY C 226 1.31 -6.80 -36.02
CA GLY C 226 1.32 -8.12 -36.64
C GLY C 226 1.68 -9.25 -35.69
N ALA C 227 0.69 -9.82 -35.01
CA ALA C 227 0.91 -10.91 -34.04
C ALA C 227 0.91 -12.23 -34.79
N THR C 228 1.87 -12.34 -35.70
CA THR C 228 1.97 -13.46 -36.62
C THR C 228 2.74 -14.60 -35.99
N PRO C 229 2.61 -15.81 -36.54
CA PRO C 229 3.43 -16.91 -36.06
C PRO C 229 4.93 -16.59 -36.05
N ALA C 230 5.41 -15.85 -37.04
CA ALA C 230 6.84 -15.52 -37.10
C ALA C 230 7.25 -14.57 -35.97
N SER C 231 6.49 -13.50 -35.77
CA SER C 231 6.82 -12.55 -34.69
C SER C 231 6.76 -13.21 -33.31
N ILE C 232 5.76 -14.06 -33.10
CA ILE C 232 5.67 -14.82 -31.86
C ILE C 232 6.94 -15.67 -31.66
N ASP C 233 7.27 -16.46 -32.66
CA ASP C 233 8.42 -17.35 -32.59
C ASP C 233 9.74 -16.61 -32.35
N ARG C 234 10.00 -15.56 -33.11
CA ARG C 234 11.30 -14.88 -32.98
C ARG C 234 11.40 -14.21 -31.62
N SER C 235 10.32 -13.61 -31.14
CA SER C 235 10.33 -12.95 -29.84
C SER C 235 10.65 -13.93 -28.72
N LEU C 236 10.05 -15.12 -28.77
CA LEU C 236 10.28 -16.11 -27.74
C LEU C 236 11.71 -16.68 -27.82
N THR C 237 12.23 -16.84 -29.04
CA THR C 237 13.64 -17.23 -29.21
C THR C 237 14.57 -16.22 -28.56
N VAL C 238 14.31 -14.94 -28.81
CA VAL C 238 15.09 -13.87 -28.17
C VAL C 238 14.96 -13.93 -26.64
N ALA C 239 13.72 -14.08 -26.15
CA ALA C 239 13.47 -14.07 -24.70
C ALA C 239 14.16 -15.23 -23.99
N ASP C 240 14.13 -16.40 -24.61
CA ASP C 240 14.79 -17.56 -24.05
C ASP C 240 16.31 -17.36 -23.95
N GLU C 241 16.92 -16.66 -24.91
CA GLU C 241 18.36 -16.36 -24.85
C GLU C 241 18.67 -15.27 -23.82
N ALA C 242 17.83 -14.24 -23.77
CA ALA C 242 18.08 -13.05 -22.96
C ALA C 242 17.58 -13.11 -21.52
N ASP C 243 16.74 -14.10 -21.22
CA ASP C 243 16.10 -14.23 -19.90
C ASP C 243 15.25 -13.00 -19.54
N VAL C 244 14.34 -12.65 -20.44
CA VAL C 244 13.35 -11.61 -20.20
C VAL C 244 11.97 -12.19 -20.53
N GLN C 245 10.93 -11.50 -20.09
CA GLN C 245 9.57 -11.94 -20.38
C GLN C 245 9.01 -11.33 -21.65
N VAL C 246 8.13 -12.09 -22.28
CA VAL C 246 7.34 -11.67 -23.42
C VAL C 246 5.87 -11.60 -23.01
N ALA C 247 5.25 -10.45 -23.28
CA ALA C 247 3.80 -10.27 -23.16
C ALA C 247 3.18 -10.40 -24.54
N ILE C 248 1.99 -11.00 -24.61
CA ILE C 248 1.30 -11.14 -25.89
C ILE C 248 -0.13 -10.61 -25.86
N HIS C 249 -0.45 -9.83 -26.90
CA HIS C 249 -1.80 -9.47 -27.33
C HIS C 249 -1.92 -10.11 -28.70
N SER C 250 -2.71 -11.19 -28.77
CA SER C 250 -2.77 -12.07 -29.92
C SER C 250 -3.69 -11.55 -31.05
N ASP C 251 -3.74 -12.33 -32.14
CA ASP C 251 -4.43 -12.02 -33.40
C ASP C 251 -5.96 -12.20 -33.24
N THR C 252 -6.61 -11.13 -32.78
CA THR C 252 -8.07 -11.11 -32.60
C THR C 252 -8.80 -11.54 -33.86
N LEU C 253 -8.31 -11.04 -34.99
CA LEU C 253 -8.86 -11.26 -36.31
C LEU C 253 -8.79 -12.70 -36.78
N ASN C 254 -7.98 -13.52 -36.08
CA ASN C 254 -7.67 -14.88 -36.54
C ASN C 254 -7.15 -14.87 -37.97
N GLU C 255 -6.45 -13.80 -38.32
CA GLU C 255 -6.01 -13.56 -39.70
C GLU C 255 -5.01 -14.62 -40.18
N ALA C 256 -3.99 -14.86 -39.38
CA ALA C 256 -2.95 -15.83 -39.73
C ALA C 256 -3.11 -17.16 -38.99
N GLY C 257 -4.04 -17.21 -38.04
CA GLY C 257 -4.27 -18.43 -37.28
C GLY C 257 -5.34 -18.21 -36.23
N PHE C 258 -5.85 -19.33 -35.70
CA PHE C 258 -6.72 -19.34 -34.54
C PHE C 258 -5.85 -19.51 -33.29
N LEU C 259 -6.48 -19.53 -32.12
CA LEU C 259 -5.76 -19.68 -30.86
C LEU C 259 -4.78 -20.84 -30.88
N GLU C 260 -5.23 -21.98 -31.41
CA GLU C 260 -4.38 -23.17 -31.46
C GLU C 260 -3.11 -22.95 -32.26
N ASP C 261 -3.17 -22.09 -33.28
CA ASP C 261 -1.99 -21.75 -34.08
C ASP C 261 -1.02 -20.89 -33.29
N THR C 262 -1.54 -19.94 -32.53
CA THR C 262 -0.70 -19.13 -31.63
C THR C 262 -0.03 -20.02 -30.58
N LEU C 263 -0.79 -20.93 -29.98
CA LEU C 263 -0.19 -21.85 -29.01
C LEU C 263 0.90 -22.74 -29.64
N ARG C 264 0.69 -23.17 -30.88
CA ARG C 264 1.69 -23.96 -31.58
C ARG C 264 2.96 -23.15 -31.82
N ALA C 265 2.82 -21.88 -32.18
CA ALA C 265 4.00 -21.02 -32.38
C ALA C 265 4.74 -20.80 -31.06
N ILE C 266 4.00 -20.66 -29.98
CA ILE C 266 4.60 -20.51 -28.66
C ILE C 266 5.39 -21.77 -28.29
N ASN C 267 4.85 -22.92 -28.65
CA ASN C 267 5.58 -24.20 -28.54
C ASN C 267 6.04 -24.52 -27.12
N GLY C 268 5.16 -24.26 -26.15
CA GLY C 268 5.44 -24.61 -24.76
C GLY C 268 6.35 -23.68 -23.99
N ARG C 269 6.82 -22.64 -24.66
CA ARG C 269 7.67 -21.63 -24.02
C ARG C 269 6.82 -20.73 -23.13
N VAL C 270 7.48 -20.09 -22.17
N VAL C 270 7.41 -20.17 -22.07
CA VAL C 270 6.82 -19.23 -21.17
CA VAL C 270 6.59 -19.39 -21.13
C VAL C 270 6.34 -17.95 -21.83
C VAL C 270 6.35 -17.98 -21.69
N ILE C 271 5.12 -17.52 -21.51
CA ILE C 271 4.64 -16.26 -22.06
C ILE C 271 3.63 -15.64 -21.08
N HIS C 272 3.57 -14.32 -21.03
CA HIS C 272 2.58 -13.58 -20.25
C HIS C 272 1.46 -13.17 -21.21
N SER C 273 0.28 -13.76 -21.01
CA SER C 273 -0.90 -13.41 -21.80
C SER C 273 -1.61 -12.23 -21.15
N PHE C 274 -1.52 -11.07 -21.80
CA PHE C 274 -2.23 -9.85 -21.37
C PHE C 274 -3.74 -9.97 -21.60
N HIS C 275 -4.50 -9.18 -20.83
CA HIS C 275 -5.98 -9.09 -20.95
C HIS C 275 -6.58 -10.36 -21.50
N VAL C 276 -6.44 -11.44 -20.72
CA VAL C 276 -6.67 -12.78 -21.22
C VAL C 276 -8.16 -13.00 -21.54
N GLU C 277 -9.05 -12.22 -20.93
CA GLU C 277 -10.48 -12.29 -21.27
C GLU C 277 -10.75 -11.87 -22.72
N GLY C 278 -9.99 -10.89 -23.21
CA GLY C 278 -10.02 -10.55 -24.63
C GLY C 278 -10.64 -9.24 -25.08
N ALA C 279 -11.38 -8.53 -24.21
CA ALA C 279 -11.88 -7.20 -24.60
C ALA C 279 -10.69 -6.30 -24.97
N GLY C 280 -9.62 -6.39 -24.19
CA GLY C 280 -8.39 -5.64 -24.48
C GLY C 280 -7.56 -6.18 -25.65
N GLY C 281 -7.94 -7.35 -26.17
CA GLY C 281 -7.32 -7.89 -27.37
C GLY C 281 -7.11 -9.38 -27.32
N GLY C 282 -7.34 -10.03 -28.45
CA GLY C 282 -6.94 -11.42 -28.64
C GLY C 282 -7.94 -12.24 -29.41
N HIS C 283 -7.45 -13.38 -29.93
CA HIS C 283 -8.26 -14.31 -30.71
C HIS C 283 -9.72 -14.33 -30.29
N ALA C 284 -10.60 -13.91 -31.19
CA ALA C 284 -12.02 -13.84 -30.90
C ALA C 284 -12.69 -15.17 -31.28
N PRO C 285 -13.51 -15.75 -30.40
CA PRO C 285 -13.93 -15.30 -29.06
C PRO C 285 -13.20 -15.99 -27.93
N ASP C 286 -12.20 -16.82 -28.25
CA ASP C 286 -11.76 -17.86 -27.33
C ASP C 286 -10.40 -17.67 -26.66
N ILE C 287 -9.82 -16.47 -26.76
N ILE C 287 -9.81 -16.49 -26.79
CA ILE C 287 -8.49 -16.18 -26.23
CA ILE C 287 -8.49 -16.21 -26.22
C ILE C 287 -8.35 -16.49 -24.71
C ILE C 287 -8.39 -16.63 -24.74
N MET C 288 -9.44 -16.42 -23.95
CA MET C 288 -9.36 -16.68 -22.49
C MET C 288 -8.98 -18.13 -22.15
N ALA C 289 -9.16 -19.03 -23.11
CA ALA C 289 -8.70 -20.41 -22.94
C ALA C 289 -7.17 -20.53 -22.69
N MET C 290 -6.43 -19.50 -23.09
N MET C 290 -6.41 -19.51 -23.07
CA MET C 290 -5.00 -19.39 -22.75
CA MET C 290 -4.98 -19.48 -22.75
C MET C 290 -4.73 -19.66 -21.27
C MET C 290 -4.70 -19.63 -21.26
N ALA C 291 -5.61 -19.16 -20.41
CA ALA C 291 -5.41 -19.18 -18.95
C ALA C 291 -5.46 -20.58 -18.34
N GLY C 292 -5.79 -21.59 -19.13
CA GLY C 292 -5.76 -22.97 -18.65
C GLY C 292 -4.40 -23.65 -18.76
N HIS C 293 -3.49 -23.06 -19.54
CA HIS C 293 -2.24 -23.73 -19.93
C HIS C 293 -1.08 -23.54 -18.95
N PRO C 294 -0.21 -24.59 -18.80
CA PRO C 294 0.83 -24.53 -17.77
C PRO C 294 1.95 -23.54 -18.07
N ASN C 295 2.15 -23.20 -19.35
CA ASN C 295 3.22 -22.27 -19.75
C ASN C 295 2.77 -20.81 -19.88
N VAL C 296 1.51 -20.55 -19.57
CA VAL C 296 0.94 -19.22 -19.69
C VAL C 296 0.81 -18.58 -18.31
N LEU C 297 1.28 -17.33 -18.22
CA LEU C 297 1.10 -16.50 -17.03
C LEU C 297 0.01 -15.50 -17.41
N PRO C 298 -1.23 -15.71 -16.91
CA PRO C 298 -2.34 -14.90 -17.44
C PRO C 298 -2.70 -13.70 -16.57
N SER C 299 -2.84 -12.52 -17.18
CA SER C 299 -3.35 -11.34 -16.50
C SER C 299 -4.62 -10.80 -17.15
N SER C 300 -5.38 -10.08 -16.33
CA SER C 300 -6.46 -9.23 -16.81
C SER C 300 -6.03 -7.78 -16.80
N THR C 301 -6.64 -6.99 -17.67
CA THR C 301 -6.61 -5.54 -17.56
C THR C 301 -7.90 -5.08 -16.88
N ASN C 302 -7.94 -3.81 -16.49
CA ASN C 302 -8.93 -3.43 -15.49
C ASN C 302 -10.34 -2.97 -15.91
N PRO C 303 -10.57 -2.57 -17.19
CA PRO C 303 -11.95 -2.07 -17.40
C PRO C 303 -13.05 -3.12 -17.34
N THR C 304 -12.72 -4.39 -17.52
CA THR C 304 -13.70 -5.47 -17.37
C THR C 304 -13.84 -5.93 -15.92
N ARG C 305 -13.12 -5.29 -15.01
CA ARG C 305 -13.05 -5.75 -13.62
C ARG C 305 -13.82 -4.85 -12.67
N PRO C 306 -14.86 -5.37 -12.01
CA PRO C 306 -15.58 -6.62 -12.24
C PRO C 306 -16.73 -6.37 -13.23
N PHE C 307 -17.54 -7.40 -13.47
CA PHE C 307 -18.65 -7.29 -14.42
C PHE C 307 -19.79 -6.44 -13.83
N THR C 308 -20.04 -5.28 -14.42
CA THR C 308 -21.09 -4.41 -13.94
C THR C 308 -22.04 -4.03 -15.06
N VAL C 309 -23.16 -3.42 -14.67
CA VAL C 309 -24.20 -3.10 -15.64
C VAL C 309 -23.78 -2.07 -16.69
N ASN C 310 -22.78 -1.25 -16.39
CA ASN C 310 -22.27 -0.27 -17.37
C ASN C 310 -21.04 -0.74 -18.17
N THR C 311 -20.49 -1.91 -17.85
CA THR C 311 -19.24 -2.37 -18.46
C THR C 311 -19.29 -2.44 -20.00
N ILE C 312 -20.30 -3.11 -20.53
CA ILE C 312 -20.37 -3.31 -21.96
C ILE C 312 -20.51 -1.97 -22.71
N ASP C 313 -21.39 -1.09 -22.21
CA ASP C 313 -21.72 0.13 -22.93
C ASP C 313 -20.53 1.08 -23.12
N GLU C 314 -19.54 1.06 -22.22
CA GLU C 314 -18.40 1.97 -22.38
C GLU C 314 -17.36 1.48 -23.41
N HIS C 315 -17.38 0.20 -23.77
CA HIS C 315 -16.23 -0.43 -24.43
C HIS C 315 -16.04 -0.14 -25.92
N LEU C 316 -17.11 -0.06 -26.71
CA LEU C 316 -16.92 0.07 -28.16
C LEU C 316 -16.11 1.31 -28.53
N ASP C 317 -16.53 2.46 -28.02
CA ASP C 317 -15.86 3.72 -28.35
C ASP C 317 -14.45 3.76 -27.76
N MET C 318 -14.27 3.15 -26.59
CA MET C 318 -12.95 3.06 -25.96
C MET C 318 -11.96 2.33 -26.87
N LEU C 319 -12.40 1.19 -27.38
CA LEU C 319 -11.62 0.33 -28.24
C LEU C 319 -11.28 1.03 -29.58
N MET C 320 -12.28 1.67 -30.17
CA MET C 320 -12.09 2.37 -31.45
C MET C 320 -11.01 3.45 -31.35
N VAL C 321 -11.01 4.20 -30.26
CA VAL C 321 -10.01 5.25 -30.05
C VAL C 321 -8.62 4.63 -29.83
N CYS C 322 -8.53 3.63 -28.96
CA CYS C 322 -7.25 3.02 -28.63
C CYS C 322 -6.52 2.48 -29.87
N HIS C 323 -7.25 1.76 -30.71
CA HIS C 323 -6.67 1.03 -31.84
C HIS C 323 -6.75 1.76 -33.18
N HIS C 324 -7.12 3.04 -33.13
CA HIS C 324 -7.06 3.92 -34.31
C HIS C 324 -7.97 3.40 -35.42
N LEU C 325 -9.20 3.07 -35.03
CA LEU C 325 -10.18 2.48 -35.93
C LEU C 325 -11.18 3.52 -36.38
N LYS C 326 -11.86 3.23 -37.49
CA LYS C 326 -12.76 4.20 -38.11
C LYS C 326 -14.19 3.69 -38.08
N GLN C 327 -15.09 4.52 -37.57
CA GLN C 327 -16.51 4.17 -37.48
C GLN C 327 -17.14 3.88 -38.85
N ASN C 328 -16.58 4.48 -39.92
CA ASN C 328 -17.14 4.32 -41.27
C ASN C 328 -16.59 3.12 -42.05
N ILE C 329 -15.74 2.31 -41.40
CA ILE C 329 -15.26 1.06 -41.99
C ILE C 329 -15.97 -0.12 -41.30
N PRO C 330 -16.89 -0.80 -41.99
CA PRO C 330 -17.68 -1.83 -41.30
C PRO C 330 -16.83 -2.92 -40.62
N GLU C 331 -15.72 -3.30 -41.25
CA GLU C 331 -14.86 -4.34 -40.69
C GLU C 331 -14.09 -3.87 -39.45
N ASP C 332 -13.83 -2.57 -39.33
CA ASP C 332 -13.25 -2.01 -38.10
C ASP C 332 -14.25 -2.17 -36.94
N VAL C 333 -15.50 -1.81 -37.21
CA VAL C 333 -16.56 -1.96 -36.21
C VAL C 333 -16.80 -3.43 -35.87
N ALA C 334 -16.78 -4.30 -36.87
CA ALA C 334 -16.97 -5.74 -36.62
C ALA C 334 -15.87 -6.34 -35.74
N PHE C 335 -14.63 -5.92 -36.00
CA PHE C 335 -13.47 -6.29 -35.19
C PHE C 335 -13.66 -5.81 -33.76
N ALA C 336 -14.00 -4.55 -33.59
CA ALA C 336 -14.24 -4.03 -32.24
C ALA C 336 -15.35 -4.82 -31.52
N ASP C 337 -16.49 -5.00 -32.19
N ASP C 337 -16.49 -4.98 -32.21
CA ASP C 337 -17.62 -5.70 -31.60
CA ASP C 337 -17.64 -5.73 -31.70
C ASP C 337 -17.25 -7.13 -31.22
C ASP C 337 -17.28 -7.14 -31.25
N SER C 338 -16.40 -7.79 -32.02
CA SER C 338 -16.03 -9.19 -31.76
C SER C 338 -15.33 -9.37 -30.42
N ARG C 339 -14.69 -8.30 -29.93
CA ARG C 339 -13.96 -8.34 -28.69
C ARG C 339 -14.79 -8.15 -27.44
N ILE C 340 -16.05 -7.71 -27.58
CA ILE C 340 -16.84 -7.25 -26.44
C ILE C 340 -17.98 -8.23 -26.18
N ARG C 341 -17.86 -9.01 -25.11
CA ARG C 341 -18.71 -10.17 -24.85
C ARG C 341 -19.05 -10.28 -23.36
N PRO C 342 -20.33 -10.10 -22.99
CA PRO C 342 -20.66 -10.28 -21.57
C PRO C 342 -20.38 -11.69 -21.05
N GLU C 343 -20.43 -12.68 -21.93
CA GLU C 343 -20.23 -14.07 -21.51
C GLU C 343 -18.82 -14.30 -20.97
N THR C 344 -17.83 -13.75 -21.64
CA THR C 344 -16.44 -13.96 -21.22
C THR C 344 -16.07 -13.03 -20.05
N ILE C 345 -16.63 -11.82 -20.02
CA ILE C 345 -16.42 -10.91 -18.90
C ILE C 345 -16.98 -11.50 -17.60
N ALA C 346 -18.18 -12.06 -17.65
CA ALA C 346 -18.78 -12.70 -16.48
C ALA C 346 -17.91 -13.87 -16.00
N ALA C 347 -17.47 -14.69 -16.95
CA ALA C 347 -16.61 -15.84 -16.61
C ALA C 347 -15.26 -15.40 -16.04
N GLU C 348 -14.75 -14.25 -16.51
CA GLU C 348 -13.49 -13.70 -16.02
C GLU C 348 -13.53 -13.41 -14.51
N ASP C 349 -14.66 -12.92 -14.00
CA ASP C 349 -14.80 -12.71 -12.55
C ASP C 349 -14.55 -14.04 -11.83
N ILE C 350 -15.20 -15.08 -12.31
CA ILE C 350 -15.14 -16.39 -11.67
C ILE C 350 -13.74 -17.02 -11.79
N LEU C 351 -13.14 -16.90 -12.97
CA LEU C 351 -11.78 -17.40 -13.16
C LEU C 351 -10.77 -16.74 -12.21
N HIS C 352 -10.96 -15.46 -11.92
CA HIS C 352 -10.15 -14.83 -10.89
C HIS C 352 -10.35 -15.46 -9.53
N ASP C 353 -11.61 -15.69 -9.18
CA ASP C 353 -11.95 -16.23 -7.88
C ASP C 353 -11.43 -17.65 -7.67
N LEU C 354 -11.33 -18.39 -8.77
CA LEU C 354 -10.84 -19.77 -8.76
C LEU C 354 -9.33 -19.89 -8.83
N GLY C 355 -8.62 -18.77 -9.00
CA GLY C 355 -7.17 -18.81 -9.15
C GLY C 355 -6.67 -19.28 -10.51
N ILE C 356 -7.51 -19.10 -11.53
CA ILE C 356 -7.17 -19.47 -12.90
C ILE C 356 -6.58 -18.26 -13.69
N ILE C 357 -7.00 -17.04 -13.36
CA ILE C 357 -6.30 -15.85 -13.83
C ILE C 357 -5.48 -15.36 -12.65
N SER C 358 -4.18 -15.18 -12.87
CA SER C 358 -3.21 -15.03 -11.77
C SER C 358 -2.84 -13.60 -11.42
N MET C 359 -3.14 -12.68 -12.33
CA MET C 359 -2.64 -11.30 -12.24
C MET C 359 -3.70 -10.29 -12.68
N MET C 360 -3.55 -9.08 -12.13
CA MET C 360 -4.28 -7.90 -12.55
C MET C 360 -3.24 -6.94 -13.12
N SER C 361 -3.70 -5.94 -13.86
CA SER C 361 -2.85 -4.93 -14.48
C SER C 361 -3.78 -3.80 -14.89
N THR C 362 -3.24 -2.66 -15.30
CA THR C 362 -4.12 -1.53 -15.68
C THR C 362 -4.50 -1.49 -17.15
N ASP C 363 -3.51 -1.52 -18.04
CA ASP C 363 -3.64 -1.08 -19.44
C ASP C 363 -3.78 0.45 -19.52
N ALA C 364 -3.07 1.14 -18.62
CA ALA C 364 -3.14 2.58 -18.45
C ALA C 364 -3.21 3.35 -19.77
N LEU C 365 -4.31 4.10 -19.94
CA LEU C 365 -4.53 5.02 -21.05
C LEU C 365 -4.70 4.39 -22.42
N ALA C 366 -4.80 3.06 -22.48
CA ALA C 366 -5.00 2.33 -23.74
C ALA C 366 -5.95 1.14 -23.50
N MET C 367 -7.17 1.50 -23.08
CA MET C 367 -8.21 0.58 -22.55
C MET C 367 -7.87 0.13 -21.12
N GLY C 368 -7.60 1.09 -20.27
CA GLY C 368 -7.34 0.81 -18.89
C GLY C 368 -7.05 2.05 -18.07
N ARG C 369 -7.25 1.92 -16.76
CA ARG C 369 -7.22 3.07 -15.85
C ARG C 369 -6.03 2.96 -14.88
N ALA C 370 -5.11 3.91 -15.03
CA ALA C 370 -3.81 3.88 -14.35
C ALA C 370 -3.88 3.76 -12.84
N GLY C 371 -4.98 4.26 -12.26
CA GLY C 371 -5.12 4.31 -10.81
C GLY C 371 -6.17 3.39 -10.24
N GLU C 372 -6.51 2.33 -10.97
CA GLU C 372 -7.60 1.45 -10.52
C GLU C 372 -7.29 -0.04 -10.53
N MET C 373 -6.01 -0.42 -10.64
CA MET C 373 -5.67 -1.85 -10.56
C MET C 373 -6.01 -2.42 -9.17
N VAL C 374 -5.50 -1.78 -8.14
CA VAL C 374 -5.74 -2.24 -6.78
C VAL C 374 -7.25 -2.14 -6.47
N LEU C 375 -7.82 -0.99 -6.80
CA LEU C 375 -9.23 -0.70 -6.54
C LEU C 375 -10.14 -1.83 -7.04
N ARG C 376 -9.96 -2.18 -8.32
CA ARG C 376 -10.85 -3.14 -8.98
C ARG C 376 -10.58 -4.58 -8.60
N THR C 377 -9.35 -4.85 -8.11
CA THR C 377 -9.06 -6.17 -7.55
C THR C 377 -10.00 -6.46 -6.38
N TRP C 378 -10.11 -5.50 -5.46
CA TRP C 378 -10.91 -5.70 -4.27
C TRP C 378 -12.41 -5.65 -4.55
N GLN C 379 -12.81 -4.82 -5.50
CA GLN C 379 -14.21 -4.82 -5.94
C GLN C 379 -14.60 -6.18 -6.52
N THR C 380 -13.69 -6.81 -7.25
CA THR C 380 -13.94 -8.14 -7.79
C THR C 380 -14.08 -9.18 -6.67
N ALA C 381 -13.14 -9.17 -5.73
CA ALA C 381 -13.20 -10.09 -4.59
C ALA C 381 -14.50 -9.94 -3.81
N ASP C 382 -14.91 -8.69 -3.58
CA ASP C 382 -16.15 -8.41 -2.86
C ASP C 382 -17.38 -8.95 -3.63
N LYS C 383 -17.41 -8.71 -4.93
CA LYS C 383 -18.52 -9.21 -5.76
C LYS C 383 -18.61 -10.73 -5.71
N MET C 384 -17.46 -11.39 -5.77
CA MET C 384 -17.41 -12.84 -5.74
C MET C 384 -17.84 -13.40 -4.39
N LYS C 385 -17.45 -12.75 -3.30
CA LYS C 385 -17.95 -13.19 -1.99
C LYS C 385 -19.48 -13.10 -1.93
N LYS C 386 -20.02 -11.99 -2.42
CA LYS C 386 -21.47 -11.76 -2.43
C LYS C 386 -22.22 -12.80 -3.28
N GLN C 387 -21.66 -13.13 -4.45
CA GLN C 387 -22.35 -14.01 -5.41
C GLN C 387 -22.04 -15.50 -5.25
N ARG C 388 -20.81 -15.81 -4.85
CA ARG C 388 -20.34 -17.20 -4.73
C ARG C 388 -20.25 -17.71 -3.29
N GLY C 389 -20.25 -16.80 -2.32
CA GLY C 389 -20.10 -17.12 -0.90
C GLY C 389 -18.64 -17.11 -0.46
N PRO C 390 -18.38 -17.25 0.85
CA PRO C 390 -17.00 -17.47 1.29
C PRO C 390 -16.42 -18.70 0.59
N LEU C 391 -15.14 -18.65 0.23
CA LEU C 391 -14.48 -19.81 -0.37
C LEU C 391 -14.43 -20.96 0.64
N ALA C 392 -14.44 -22.20 0.14
CA ALA C 392 -14.45 -23.39 1.00
C ALA C 392 -13.22 -23.44 1.91
N GLU C 393 -12.15 -22.81 1.47
CA GLU C 393 -10.87 -22.81 2.17
C GLU C 393 -10.85 -21.92 3.42
N GLU C 394 -11.85 -21.04 3.58
CA GLU C 394 -11.88 -20.10 4.71
C GLU C 394 -12.23 -20.75 6.04
N LYS C 395 -11.95 -20.02 7.13
CA LYS C 395 -12.37 -20.40 8.46
C LYS C 395 -12.43 -19.20 9.41
N ASN C 396 -13.07 -19.38 10.56
CA ASN C 396 -13.24 -18.33 11.57
C ASN C 396 -14.06 -17.13 11.07
N GLY C 397 -14.82 -17.32 9.99
CA GLY C 397 -15.59 -16.25 9.39
C GLY C 397 -14.78 -15.21 8.63
N SER C 398 -13.49 -15.45 8.46
CA SER C 398 -12.64 -14.47 7.79
C SER C 398 -12.56 -14.74 6.30
N ASP C 399 -12.11 -13.72 5.58
CA ASP C 399 -11.86 -13.85 4.14
C ASP C 399 -10.38 -13.88 3.81
N ASN C 400 -9.57 -14.40 4.72
CA ASN C 400 -8.12 -14.41 4.53
C ASN C 400 -7.63 -15.17 3.29
N PHE C 401 -8.25 -16.29 2.96
CA PHE C 401 -7.83 -17.05 1.77
C PHE C 401 -8.08 -16.23 0.52
N ARG C 402 -9.29 -15.70 0.39
CA ARG C 402 -9.57 -14.80 -0.72
C ARG C 402 -8.62 -13.60 -0.73
N ALA C 403 -8.37 -13.01 0.43
CA ALA C 403 -7.51 -11.85 0.48
C ALA C 403 -6.09 -12.16 0.00
N LYS C 404 -5.55 -13.30 0.40
CA LYS C 404 -4.22 -13.69 -0.09
C LYS C 404 -4.24 -13.98 -1.59
N ARG C 405 -5.28 -14.68 -2.06
CA ARG C 405 -5.42 -14.95 -3.49
C ARG C 405 -5.45 -13.65 -4.30
N TYR C 406 -6.21 -12.67 -3.82
CA TYR C 406 -6.37 -11.44 -4.59
C TYR C 406 -5.18 -10.47 -4.44
N VAL C 407 -4.60 -10.32 -3.25
CA VAL C 407 -3.45 -9.41 -3.12
C VAL C 407 -2.29 -9.90 -4.00
N SER C 408 -2.17 -11.21 -4.17
CA SER C 408 -1.11 -11.80 -4.98
C SER C 408 -1.19 -11.37 -6.45
N LYS C 409 -2.40 -11.07 -6.91
CA LYS C 409 -2.63 -10.73 -8.32
C LYS C 409 -1.96 -9.44 -8.75
N TYR C 410 -1.75 -8.50 -7.82
CA TYR C 410 -1.16 -7.22 -8.19
C TYR C 410 0.16 -6.91 -7.47
N THR C 411 0.68 -7.88 -6.71
CA THR C 411 1.94 -7.72 -6.01
C THR C 411 2.94 -8.78 -6.51
N ILE C 412 2.89 -9.97 -5.94
CA ILE C 412 3.96 -10.95 -6.16
C ILE C 412 3.89 -11.57 -7.55
N ASN C 413 2.69 -11.84 -8.05
CA ASN C 413 2.59 -12.58 -9.30
C ASN C 413 3.12 -11.82 -10.51
N PRO C 414 2.76 -10.53 -10.67
CA PRO C 414 3.36 -9.79 -11.77
C PRO C 414 4.89 -9.67 -11.64
N ALA C 415 5.39 -9.56 -10.41
CA ALA C 415 6.84 -9.51 -10.19
C ALA C 415 7.51 -10.81 -10.62
N ILE C 416 6.92 -11.95 -10.27
CA ILE C 416 7.44 -13.25 -10.69
C ILE C 416 7.41 -13.35 -12.21
N ALA C 417 6.29 -12.97 -12.82
CA ALA C 417 6.15 -13.07 -14.28
C ALA C 417 7.23 -12.28 -15.02
N GLN C 418 7.58 -11.08 -14.54
N GLN C 418 7.58 -11.11 -14.47
CA GLN C 418 8.55 -10.24 -15.24
CA GLN C 418 8.50 -10.19 -15.11
C GLN C 418 9.99 -10.43 -14.76
C GLN C 418 9.97 -10.51 -14.83
N GLY C 419 10.23 -11.38 -13.85
CA GLY C 419 11.61 -11.71 -13.43
C GLY C 419 12.22 -10.66 -12.50
N ILE C 420 11.37 -10.03 -11.68
CA ILE C 420 11.81 -8.97 -10.78
C ILE C 420 11.44 -9.23 -9.33
N ALA C 421 10.95 -10.42 -9.01
CA ALA C 421 10.50 -10.72 -7.65
C ALA C 421 11.63 -10.89 -6.63
N HIS C 422 12.88 -10.98 -7.08
CA HIS C 422 14.01 -10.88 -6.16
C HIS C 422 14.13 -9.48 -5.54
N GLU C 423 13.59 -8.46 -6.23
CA GLU C 423 13.66 -7.07 -5.76
C GLU C 423 12.35 -6.56 -5.14
N VAL C 424 11.22 -6.85 -5.80
CA VAL C 424 9.95 -6.20 -5.43
C VAL C 424 8.80 -7.22 -5.42
N GLY C 425 7.62 -6.75 -5.03
CA GLY C 425 6.41 -7.56 -5.15
C GLY C 425 5.88 -8.17 -3.88
N SER C 426 6.61 -8.10 -2.78
CA SER C 426 6.11 -8.60 -1.50
C SER C 426 6.87 -8.03 -0.33
N ILE C 427 6.23 -8.10 0.85
CA ILE C 427 6.85 -7.69 2.11
C ILE C 427 7.62 -8.89 2.67
N GLU C 428 8.87 -9.00 2.26
CA GLU C 428 9.76 -10.04 2.73
C GLU C 428 11.14 -9.45 2.97
N GLU C 429 11.85 -10.06 3.92
CA GLU C 429 13.21 -9.65 4.23
C GLU C 429 14.08 -9.83 2.99
N GLY C 430 14.92 -8.83 2.72
CA GLY C 430 15.81 -8.85 1.58
C GLY C 430 15.29 -8.16 0.33
N LYS C 431 14.04 -7.70 0.37
N LYS C 431 14.04 -7.70 0.35
CA LYS C 431 13.45 -7.01 -0.78
CA LYS C 431 13.46 -7.04 -0.81
C LYS C 431 13.41 -5.49 -0.59
C LYS C 431 13.37 -5.53 -0.60
N PHE C 432 13.25 -4.81 -1.71
CA PHE C 432 13.27 -3.34 -1.73
C PHE C 432 12.08 -2.82 -0.92
N ALA C 433 12.30 -1.74 -0.17
CA ALA C 433 11.28 -1.24 0.75
C ALA C 433 10.30 -0.31 0.04
N ASP C 434 9.50 -0.92 -0.84
CA ASP C 434 8.37 -0.28 -1.51
C ASP C 434 7.14 -0.74 -0.72
N LEU C 435 6.57 0.16 0.09
CA LEU C 435 5.54 -0.20 1.05
C LEU C 435 4.42 0.83 0.95
N VAL C 436 3.19 0.37 1.11
CA VAL C 436 2.04 1.27 1.07
C VAL C 436 1.26 1.13 2.36
N LEU C 437 1.08 2.26 3.04
CA LEU C 437 0.23 2.33 4.21
C LEU C 437 -1.17 2.76 3.80
N TRP C 438 -2.16 2.07 4.35
CA TRP C 438 -3.56 2.38 4.12
C TRP C 438 -4.31 2.50 5.45
N GLU C 439 -5.13 3.54 5.58
CA GLU C 439 -6.17 3.50 6.61
C GLU C 439 -7.20 2.45 6.16
N PRO C 440 -7.64 1.59 7.08
CA PRO C 440 -8.62 0.58 6.65
C PRO C 440 -9.86 1.16 5.96
N LYS C 441 -10.33 2.33 6.39
CA LYS C 441 -11.51 2.94 5.76
C LYS C 441 -11.26 3.32 4.31
N PHE C 442 -10.00 3.53 3.93
CA PHE C 442 -9.60 3.89 2.57
C PHE C 442 -8.87 2.75 1.85
N PHE C 443 -8.90 1.54 2.41
CA PHE C 443 -8.09 0.47 1.87
C PHE C 443 -8.42 0.17 0.42
N GLY C 444 -7.39 0.13 -0.42
CA GLY C 444 -7.56 -0.11 -1.85
C GLY C 444 -8.09 1.06 -2.66
N VAL C 445 -8.39 2.18 -1.99
CA VAL C 445 -9.02 3.34 -2.62
C VAL C 445 -8.02 4.48 -2.75
N LYS C 446 -7.56 4.99 -1.61
CA LYS C 446 -6.59 6.08 -1.57
C LYS C 446 -5.49 5.76 -0.56
N ALA C 447 -4.25 5.61 -1.06
CA ALA C 447 -3.12 5.32 -0.19
C ALA C 447 -2.84 6.47 0.75
N ASP C 448 -2.46 6.15 1.98
CA ASP C 448 -2.05 7.15 2.98
C ASP C 448 -0.65 7.68 2.68
N ARG C 449 0.32 6.76 2.68
CA ARG C 449 1.72 7.06 2.40
C ARG C 449 2.29 5.92 1.57
N VAL C 450 3.06 6.29 0.54
CA VAL C 450 3.73 5.34 -0.34
C VAL C 450 5.23 5.56 -0.13
N ILE C 451 5.86 4.51 0.40
CA ILE C 451 7.29 4.48 0.66
C ILE C 451 7.98 3.80 -0.51
N LYS C 452 9.01 4.46 -1.00
CA LYS C 452 9.80 3.97 -2.14
C LYS C 452 11.27 3.91 -1.71
N GLY C 453 11.84 2.71 -1.75
CA GLY C 453 13.22 2.54 -1.30
C GLY C 453 13.49 3.11 0.09
N GLY C 454 12.51 2.99 0.99
CA GLY C 454 12.71 3.46 2.36
C GLY C 454 12.47 4.93 2.67
N ILE C 455 12.01 5.70 1.69
CA ILE C 455 11.66 7.11 1.90
C ILE C 455 10.26 7.34 1.34
N ILE C 456 9.47 8.13 2.05
CA ILE C 456 8.13 8.43 1.56
C ILE C 456 8.22 9.22 0.26
N ALA C 457 7.56 8.71 -0.77
CA ALA C 457 7.51 9.33 -2.09
C ALA C 457 6.20 10.06 -2.39
N TYR C 458 5.10 9.60 -1.79
CA TYR C 458 3.78 10.17 -2.09
C TYR C 458 2.94 10.04 -0.83
N ALA C 459 2.13 11.06 -0.55
CA ALA C 459 1.30 11.04 0.64
C ALA C 459 0.05 11.86 0.47
N GLN C 460 -1.01 11.41 1.13
CA GLN C 460 -2.22 12.21 1.31
C GLN C 460 -2.00 13.11 2.51
N ILE C 461 -1.81 14.38 2.24
CA ILE C 461 -1.41 15.30 3.28
C ILE C 461 -1.99 16.69 2.98
N GLY C 462 -2.16 17.47 4.03
CA GLY C 462 -2.86 18.74 3.96
C GLY C 462 -2.01 19.99 3.73
N ASP C 463 -2.60 21.11 4.13
CA ASP C 463 -2.13 22.47 3.92
C ASP C 463 -0.64 22.63 4.28
N PRO C 464 0.23 22.94 3.28
CA PRO C 464 1.64 23.12 3.59
C PRO C 464 1.96 24.37 4.40
N SER C 465 1.00 25.29 4.47
N SER C 465 1.00 25.29 4.49
CA SER C 465 1.15 26.53 5.23
CA SER C 465 1.18 26.51 5.26
C SER C 465 0.62 26.44 6.67
C SER C 465 0.69 26.41 6.70
N ALA C 466 0.06 25.29 7.04
CA ALA C 466 -0.59 25.12 8.33
C ALA C 466 0.37 24.77 9.47
N SER C 467 -0.13 24.85 10.70
CA SER C 467 0.66 24.55 11.89
C SER C 467 0.98 23.08 12.03
N ILE C 468 0.20 22.24 11.36
CA ILE C 468 0.37 20.80 11.34
C ILE C 468 -0.08 20.33 9.95
N PRO C 469 0.20 19.06 9.58
CA PRO C 469 -0.02 18.63 8.18
C PRO C 469 -1.41 18.11 7.86
N THR C 470 -2.27 17.98 8.88
CA THR C 470 -3.62 17.44 8.76
C THR C 470 -4.74 18.40 8.30
N PRO C 471 -4.59 19.73 8.45
CA PRO C 471 -5.68 20.61 8.00
C PRO C 471 -5.87 20.60 6.48
N GLN C 472 -7.08 20.93 6.05
CA GLN C 472 -7.45 20.85 4.64
C GLN C 472 -6.72 21.89 3.80
N PRO C 473 -6.55 21.62 2.49
CA PRO C 473 -7.04 20.46 1.77
C PRO C 473 -6.06 19.28 1.79
N VAL C 474 -6.56 18.12 2.23
CA VAL C 474 -5.79 16.88 2.19
C VAL C 474 -5.90 16.29 0.78
N MET C 475 -4.74 16.18 0.12
N MET C 475 -4.75 16.17 0.13
CA MET C 475 -4.67 15.70 -1.26
CA MET C 475 -4.67 15.72 -1.25
C MET C 475 -3.38 14.94 -1.47
C MET C 475 -3.40 14.90 -1.44
N GLY C 476 -3.35 14.14 -2.52
CA GLY C 476 -2.13 13.40 -2.87
C GLY C 476 -1.06 14.35 -3.35
N ARG C 477 0.15 14.21 -2.79
CA ARG C 477 1.28 15.08 -3.09
C ARG C 477 2.57 14.28 -3.13
N ARG C 478 3.46 14.66 -4.04
CA ARG C 478 4.82 14.12 -4.06
C ARG C 478 5.60 14.61 -2.85
N MET C 479 6.36 13.68 -2.25
CA MET C 479 7.13 13.96 -1.04
C MET C 479 8.64 14.00 -1.35
N TYR C 480 9.47 14.09 -0.32
CA TYR C 480 10.92 14.33 -0.53
C TYR C 480 11.64 13.23 -1.30
N GLY C 481 11.11 12.02 -1.27
CA GLY C 481 11.73 10.93 -2.03
C GLY C 481 11.77 11.20 -3.53
N THR C 482 10.91 12.11 -4.01
CA THR C 482 10.82 12.42 -5.43
C THR C 482 11.66 13.64 -5.83
N VAL C 483 12.28 14.30 -4.86
CA VAL C 483 12.88 15.61 -5.07
C VAL C 483 14.39 15.49 -5.24
N GLY C 484 14.96 16.35 -6.09
CA GLY C 484 16.39 16.37 -6.30
C GLY C 484 16.95 15.03 -6.75
N ASP C 485 18.11 14.68 -6.24
CA ASP C 485 18.76 13.42 -6.62
C ASP C 485 18.23 12.24 -5.81
N LEU C 486 17.34 12.50 -4.85
CA LEU C 486 16.80 11.38 -4.09
C LEU C 486 15.91 10.48 -4.94
N ILE C 487 15.37 11.02 -6.02
CA ILE C 487 14.59 10.23 -6.99
C ILE C 487 15.44 9.06 -7.57
N HIS C 488 16.76 9.23 -7.60
CA HIS C 488 17.65 8.19 -8.13
C HIS C 488 17.79 7.01 -7.18
N ASP C 489 17.79 7.27 -5.88
CA ASP C 489 18.04 6.22 -4.89
C ASP C 489 16.78 5.50 -4.44
N THR C 490 15.61 6.11 -4.68
CA THR C 490 14.35 5.55 -4.20
C THR C 490 13.60 4.76 -5.28
N ASN C 491 14.15 4.72 -6.50
CA ASN C 491 13.53 4.03 -7.62
C ASN C 491 14.51 3.16 -8.40
N ILE C 492 13.97 2.12 -9.02
CA ILE C 492 14.74 1.14 -9.78
C ILE C 492 14.33 1.20 -11.24
N THR C 493 15.33 1.25 -12.13
CA THR C 493 15.14 0.96 -13.54
C THR C 493 15.52 -0.49 -13.78
N PHE C 494 14.54 -1.31 -14.18
CA PHE C 494 14.79 -2.73 -14.46
C PHE C 494 15.24 -2.87 -15.90
N MET C 495 16.30 -3.65 -16.12
CA MET C 495 16.94 -3.80 -17.43
C MET C 495 17.39 -5.25 -17.65
N SER C 496 17.57 -5.61 -18.90
CA SER C 496 18.09 -6.92 -19.28
C SER C 496 19.51 -7.10 -18.77
N LYS C 497 19.84 -8.35 -18.49
CA LYS C 497 21.21 -8.71 -18.14
C LYS C 497 22.22 -8.27 -19.18
N SER C 498 21.91 -8.41 -20.47
CA SER C 498 22.86 -8.02 -21.51
C SER C 498 23.13 -6.52 -21.55
N SER C 499 22.09 -5.70 -21.41
CA SER C 499 22.32 -4.26 -21.40
C SER C 499 23.16 -3.82 -20.21
N ILE C 500 22.95 -4.47 -19.06
CA ILE C 500 23.72 -4.17 -17.87
C ILE C 500 25.19 -4.58 -18.08
N GLN C 501 25.39 -5.76 -18.63
CA GLN C 501 26.76 -6.25 -18.88
C GLN C 501 27.49 -5.37 -19.89
N GLN C 502 26.74 -4.80 -20.84
CA GLN C 502 27.30 -3.93 -21.88
C GLN C 502 27.42 -2.47 -21.46
N GLY C 503 27.06 -2.17 -20.21
CA GLY C 503 27.34 -0.85 -19.65
C GLY C 503 26.40 0.23 -20.13
N VAL C 504 25.17 -0.14 -20.48
CA VAL C 504 24.21 0.85 -20.95
C VAL C 504 23.95 1.95 -19.90
N PRO C 505 23.82 1.58 -18.61
CA PRO C 505 23.59 2.66 -17.65
C PRO C 505 24.68 3.74 -17.65
N ALA C 506 25.95 3.35 -17.69
CA ALA C 506 27.01 4.34 -17.74
C ALA C 506 26.99 5.12 -19.07
N LYS C 507 26.73 4.42 -20.16
CA LYS C 507 26.67 5.04 -21.47
C LYS C 507 25.65 6.17 -21.51
N LEU C 508 24.49 5.94 -20.92
CA LEU C 508 23.40 6.92 -20.93
C LEU C 508 23.40 7.87 -19.73
N GLY C 509 24.30 7.66 -18.77
CA GLY C 509 24.35 8.49 -17.58
C GLY C 509 23.21 8.26 -16.61
N LEU C 510 22.69 7.04 -16.58
CA LEU C 510 21.59 6.72 -15.67
C LEU C 510 22.10 6.66 -14.23
N LYS C 511 21.41 7.37 -13.33
CA LYS C 511 21.77 7.43 -11.92
C LYS C 511 20.83 6.64 -11.02
N ARG C 512 19.71 6.19 -11.56
CA ARG C 512 18.80 5.36 -10.78
C ARG C 512 19.41 4.02 -10.39
N ARG C 513 18.86 3.39 -9.37
N ARG C 513 18.88 3.39 -9.36
CA ARG C 513 19.22 2.01 -9.05
CA ARG C 513 19.26 2.03 -9.05
C ARG C 513 18.89 1.14 -10.24
C ARG C 513 18.92 1.18 -10.26
N ILE C 514 19.80 0.23 -10.58
CA ILE C 514 19.61 -0.64 -11.74
C ILE C 514 19.26 -2.03 -11.27
N GLY C 515 18.08 -2.50 -11.69
CA GLY C 515 17.62 -3.83 -11.34
C GLY C 515 17.79 -4.77 -12.50
N THR C 516 18.19 -6.00 -12.20
CA THR C 516 18.38 -7.02 -13.20
C THR C 516 17.14 -7.90 -13.35
N VAL C 517 16.65 -8.02 -14.58
CA VAL C 517 15.60 -8.96 -14.92
C VAL C 517 16.21 -10.37 -15.04
N LYS C 518 15.64 -11.34 -14.35
CA LYS C 518 16.18 -12.70 -14.41
C LYS C 518 15.16 -13.73 -13.95
N ASN C 519 15.41 -14.97 -14.33
CA ASN C 519 14.60 -16.12 -13.96
C ASN C 519 13.15 -16.01 -14.44
N CYS C 520 13.03 -15.69 -15.73
CA CYS C 520 11.75 -15.53 -16.45
C CYS C 520 11.33 -16.69 -17.30
N ARG C 521 12.27 -17.58 -17.63
CA ARG C 521 12.04 -18.58 -18.67
C ARG C 521 11.79 -19.99 -18.13
N ASN C 522 11.97 -20.13 -16.81
N ASN C 522 12.09 -20.30 -16.88
CA ASN C 522 11.97 -21.40 -16.07
CA ASN C 522 11.70 -21.61 -16.33
C ASN C 522 10.75 -21.52 -15.15
C ASN C 522 10.81 -21.43 -15.12
N ILE C 523 9.76 -20.67 -15.38
CA ILE C 523 8.59 -20.57 -14.50
C ILE C 523 7.38 -20.95 -15.34
N GLY C 524 6.25 -21.11 -14.66
CA GLY C 524 4.99 -21.41 -15.30
C GLY C 524 3.84 -21.05 -14.39
N LYS C 525 2.64 -21.45 -14.80
CA LYS C 525 1.44 -21.20 -14.01
C LYS C 525 1.58 -21.73 -12.57
N LYS C 526 2.27 -22.86 -12.40
CA LYS C 526 2.49 -23.43 -11.07
C LYS C 526 3.20 -22.48 -10.11
N ASP C 527 3.90 -21.47 -10.63
CA ASP C 527 4.66 -20.53 -9.81
C ASP C 527 3.88 -19.27 -9.42
N MET C 528 2.62 -19.17 -9.86
CA MET C 528 1.76 -18.05 -9.50
C MET C 528 1.12 -18.30 -8.13
N LYS C 529 1.53 -17.50 -7.15
CA LYS C 529 1.13 -17.69 -5.76
C LYS C 529 -0.38 -17.56 -5.62
N TRP C 530 -0.98 -18.59 -4.99
CA TRP C 530 -2.43 -18.68 -4.73
C TRP C 530 -3.29 -18.68 -5.99
N ASN C 531 -2.69 -18.78 -7.17
CA ASN C 531 -3.39 -18.65 -8.44
C ASN C 531 -2.72 -19.55 -9.46
N ASP C 532 -2.62 -20.83 -9.12
CA ASP C 532 -1.76 -21.77 -9.85
C ASP C 532 -2.54 -22.84 -10.60
N VAL C 533 -3.82 -22.58 -10.87
CA VAL C 533 -4.69 -23.63 -11.40
C VAL C 533 -4.56 -23.76 -12.91
N THR C 534 -4.30 -25.00 -13.37
CA THR C 534 -4.34 -25.34 -14.80
C THR C 534 -5.56 -26.24 -15.03
N THR C 535 -6.22 -26.05 -16.16
CA THR C 535 -7.45 -26.76 -16.47
C THR C 535 -7.80 -26.53 -17.94
N ASP C 536 -8.65 -27.39 -18.51
N ASP C 536 -8.69 -27.36 -18.49
CA ASP C 536 -9.14 -27.19 -19.85
CA ASP C 536 -9.15 -27.20 -19.86
C ASP C 536 -10.30 -26.20 -19.80
C ASP C 536 -10.35 -26.25 -19.94
N ILE C 537 -10.11 -25.02 -20.41
CA ILE C 537 -11.18 -24.03 -20.52
C ILE C 537 -11.78 -24.15 -21.91
N ASP C 538 -13.08 -24.43 -21.95
CA ASP C 538 -13.79 -24.54 -23.23
C ASP C 538 -14.64 -23.31 -23.43
N ILE C 539 -14.48 -22.68 -24.60
CA ILE C 539 -15.27 -21.53 -24.95
C ILE C 539 -16.04 -21.85 -26.24
N ASN C 540 -17.36 -21.84 -26.14
CA ASN C 540 -18.24 -22.16 -27.24
C ASN C 540 -18.11 -21.10 -28.35
N PRO C 541 -17.74 -21.51 -29.57
CA PRO C 541 -17.50 -20.49 -30.61
C PRO C 541 -18.74 -19.73 -31.06
N GLU C 542 -19.91 -20.33 -30.87
CA GLU C 542 -21.17 -19.73 -31.28
C GLU C 542 -21.76 -18.86 -30.17
N THR C 543 -21.86 -19.41 -28.96
CA THR C 543 -22.54 -18.75 -27.83
C THR C 543 -21.61 -18.01 -26.85
N TYR C 544 -20.31 -18.31 -26.93
CA TYR C 544 -19.28 -17.74 -26.05
C TYR C 544 -19.36 -18.24 -24.60
N GLU C 545 -20.20 -19.25 -24.37
CA GLU C 545 -20.30 -19.91 -23.07
C GLU C 545 -18.95 -20.51 -22.67
N VAL C 546 -18.54 -20.26 -21.43
CA VAL C 546 -17.24 -20.71 -20.90
C VAL C 546 -17.50 -21.87 -19.94
N LYS C 547 -16.82 -23.00 -20.16
CA LYS C 547 -16.95 -24.17 -19.29
C LYS C 547 -15.59 -24.60 -18.71
N VAL C 548 -15.60 -24.95 -17.43
CA VAL C 548 -14.47 -25.57 -16.73
C VAL C 548 -15.01 -26.79 -15.98
N ASP C 549 -14.34 -27.94 -16.16
CA ASP C 549 -14.77 -29.21 -15.55
C ASP C 549 -16.26 -29.52 -15.83
N GLY C 550 -16.67 -29.26 -17.07
CA GLY C 550 -18.03 -29.55 -17.53
C GLY C 550 -19.11 -28.62 -17.00
N GLU C 551 -18.69 -27.51 -16.38
CA GLU C 551 -19.58 -26.59 -15.68
C GLU C 551 -19.51 -25.23 -16.34
N VAL C 552 -20.67 -24.68 -16.70
CA VAL C 552 -20.74 -23.32 -17.22
C VAL C 552 -20.40 -22.32 -16.13
N LEU C 553 -19.53 -21.38 -16.47
CA LEU C 553 -19.15 -20.31 -15.58
C LEU C 553 -19.88 -19.05 -15.97
N THR C 554 -20.80 -18.62 -15.13
CA THR C 554 -21.52 -17.39 -15.36
C THR C 554 -21.93 -16.75 -14.05
N CYS C 555 -22.10 -15.44 -14.09
CA CYS C 555 -22.59 -14.68 -12.96
C CYS C 555 -23.24 -13.42 -13.50
N GLU C 556 -23.96 -12.73 -12.61
CA GLU C 556 -24.67 -11.53 -13.00
C GLU C 556 -23.82 -10.29 -12.87
N PRO C 557 -24.07 -9.29 -13.72
CA PRO C 557 -23.47 -7.98 -13.50
C PRO C 557 -24.12 -7.30 -12.32
N VAL C 558 -23.37 -6.47 -11.60
CA VAL C 558 -23.91 -5.73 -10.46
C VAL C 558 -24.18 -4.27 -10.82
N LYS C 559 -25.16 -3.68 -10.15
CA LYS C 559 -25.57 -2.28 -10.36
C LYS C 559 -24.75 -1.30 -9.51
N GLU C 560 -24.16 -1.81 -8.43
CA GLU C 560 -23.42 -0.98 -7.50
C GLU C 560 -22.17 -1.73 -7.03
N LEU C 561 -21.11 -0.97 -6.75
CA LEU C 561 -19.89 -1.49 -6.15
C LEU C 561 -19.54 -0.70 -4.92
N PRO C 562 -18.83 -1.35 -3.98
CA PRO C 562 -18.16 -0.61 -2.93
C PRO C 562 -16.95 0.13 -3.53
N MET C 563 -16.28 0.91 -2.70
CA MET C 563 -15.04 1.58 -3.14
C MET C 563 -15.34 2.48 -4.35
N ALA C 564 -16.48 3.17 -4.29
CA ALA C 564 -16.98 3.95 -5.42
C ALA C 564 -17.56 5.28 -4.93
N GLN C 565 -18.89 5.48 -5.00
CA GLN C 565 -19.39 6.84 -4.76
C GLN C 565 -19.27 7.36 -3.32
N ARG C 566 -18.98 6.49 -2.36
CA ARG C 566 -18.73 6.99 -1.00
C ARG C 566 -17.44 7.83 -0.94
N TYR C 567 -16.51 7.58 -1.87
CA TYR C 567 -15.13 8.08 -1.78
C TYR C 567 -14.74 9.19 -2.75
N PHE C 568 -15.33 9.19 -3.94
CA PHE C 568 -14.79 9.98 -5.03
C PHE C 568 -15.58 11.24 -5.31
N LEU C 569 -14.88 12.34 -5.52
CA LEU C 569 -15.50 13.63 -5.75
C LEU C 569 -16.10 13.73 -7.15
N PHE C 570 -15.54 12.97 -8.09
CA PHE C 570 -16.11 12.86 -9.43
C PHE C 570 -16.14 11.42 -9.84
C1 EDO D . -10.93 37.58 16.82
O1 EDO D . -11.18 38.87 17.38
C2 EDO D . -12.23 37.02 16.23
O2 EDO D . -11.97 35.72 15.70
C1 EDO E . -4.05 31.45 3.44
O1 EDO E . -3.93 30.55 4.56
C2 EDO E . -3.50 32.79 3.91
O2 EDO E . -2.06 32.78 3.73
C1 EDO F . -30.57 16.00 1.03
O1 EDO F . -29.99 16.48 2.25
C2 EDO F . -30.64 14.48 1.07
O2 EDO F . -31.59 14.02 2.06
C1 EDO G . -11.19 14.56 7.53
O1 EDO G . -11.85 13.32 7.83
C2 EDO G . -9.75 14.53 8.04
O2 EDO G . -8.88 13.79 7.15
C1 EDO H . -24.47 25.99 12.27
O1 EDO H . -25.73 26.18 12.92
C2 EDO H . -23.91 27.34 11.87
O2 EDO H . -24.61 27.92 10.75
C1 EDO I . 24.27 13.12 33.08
O1 EDO I . 25.45 12.36 33.39
C2 EDO I . 24.65 14.40 32.34
O2 EDO I . 25.61 15.16 33.09
S SO4 J . 31.76 5.27 38.53
O1 SO4 J . 32.47 4.16 39.21
O2 SO4 J . 32.68 6.44 38.41
O3 SO4 J . 30.56 5.66 39.31
O4 SO4 J . 31.36 4.83 37.17
NI NI K . -3.60 -5.35 -25.81
NI NI L . -2.35 -2.39 -23.74
C1 EDO M . 0.63 -12.85 20.57
O1 EDO M . 1.16 -14.09 20.08
C2 EDO M . 1.79 -11.92 20.92
O2 EDO M . 2.57 -12.48 21.97
C1 EDO N . -3.23 2.46 26.25
O1 EDO N . -4.08 3.33 27.03
C2 EDO N . -3.73 1.02 26.34
O2 EDO N . -4.99 0.83 25.67
C1 EDO O . -10.25 -22.76 -27.20
O1 EDO O . -10.56 -22.83 -28.60
C2 EDO O . -11.15 -23.65 -26.34
O2 EDO O . -12.53 -23.53 -26.66
C1 EDO P . 19.96 -3.53 -7.32
O1 EDO P . 19.88 -4.58 -6.33
C2 EDO P . 18.64 -2.80 -7.48
O2 EDO P . 18.25 -2.15 -6.25
C1 EDO Q . 7.37 -18.04 13.10
O1 EDO Q . 6.13 -17.32 13.03
C2 EDO Q . 8.55 -17.06 13.10
O2 EDO Q . 8.67 -16.38 11.84
C1 EDO R . -14.74 -27.63 -20.02
O1 EDO R . -15.60 -28.50 -19.31
C2 EDO R . -13.88 -28.41 -21.01
O2 EDO R . -13.30 -29.56 -20.40
C1 EDO S . -19.00 -12.69 -34.93
O1 EDO S . -18.59 -12.10 -36.19
C2 EDO S . -18.28 -12.00 -33.77
O2 EDO S . -18.94 -10.78 -33.38
C1 EDO T . 7.88 -12.74 8.85
O1 EDO T . 7.99 -13.96 8.11
C2 EDO T . 8.84 -12.79 10.04
O2 EDO T . 10.19 -12.54 9.63
C1 EDO U . 5.94 14.12 -14.39
O1 EDO U . 5.54 12.85 -13.88
C2 EDO U . 7.47 14.17 -14.36
O2 EDO U . 7.94 13.50 -13.19
C1 EDO V . -26.12 -4.24 -18.67
O1 EDO V . -26.84 -3.02 -18.42
C2 EDO V . -27.09 -5.40 -18.57
O2 EDO V . -27.29 -5.72 -17.19
C1 EDO W . 5.43 -14.59 16.34
O1 EDO W . 6.55 -15.08 17.09
C2 EDO W . 4.68 -15.75 15.72
O2 EDO W . 3.49 -16.00 16.47
C1 EDO X . -15.20 6.73 -30.23
O1 EDO X . -14.98 8.12 -30.45
C2 EDO X . -15.70 6.02 -31.48
O2 EDO X . -15.10 6.61 -32.63
S SO4 Y . 18.67 -15.22 -38.11
O1 SO4 Y . 18.63 -16.30 -37.10
O2 SO4 Y . 19.96 -14.50 -38.01
O3 SO4 Y . 18.53 -15.80 -39.46
O4 SO4 Y . 17.55 -14.27 -37.88
S SO4 Z . -26.54 -5.07 -7.06
O1 SO4 Z . -26.25 -6.32 -6.33
O2 SO4 Z . -25.36 -4.18 -6.89
O3 SO4 Z . -26.82 -5.42 -8.49
O4 SO4 Z . -27.73 -4.41 -6.47
N4 2PA AA . -3.63 -1.36 -25.32
N5 2PA AA . -6.14 -2.49 -25.51
O1 2PA AA . -4.02 -3.53 -26.85
P2 2PA AA . -4.48 -2.83 -25.53
O3 2PA AA . -4.09 -3.68 -24.36
S SO4 BA . -0.02 4.64 23.09
O1 SO4 BA . 1.15 3.80 22.77
O2 SO4 BA . 0.23 6.02 22.60
O3 SO4 BA . -0.22 4.66 24.56
O4 SO4 BA . -1.22 4.09 22.44
S SO4 CA . 27.13 14.37 -13.69
O1 SO4 CA . 27.36 14.01 -15.13
O2 SO4 CA . 27.49 13.24 -12.83
O3 SO4 CA . 25.71 14.78 -13.52
O4 SO4 CA . 27.97 15.55 -13.35
S SO4 DA . 22.10 -15.06 -9.92
O1 SO4 DA . 22.69 -16.34 -9.39
O2 SO4 DA . 23.05 -13.96 -9.56
O3 SO4 DA . 22.06 -15.15 -11.40
O4 SO4 DA . 20.80 -14.83 -9.37
#